data_9CAU
#
_entry.id   9CAU
#
_cell.length_a   1.00
_cell.length_b   1.00
_cell.length_c   1.00
_cell.angle_alpha   90.00
_cell.angle_beta   90.00
_cell.angle_gamma   90.00
#
_symmetry.space_group_name_H-M   'P 1'
#
loop_
_entity.id
_entity.type
_entity.pdbx_description
1 polymer 'Histone H3'
2 polymer 'Histone H4'
3 polymer 'Histone H2A.1'
4 polymer 'Histone H2B.1'
5 polymer 'DNA (227-MER)'
6 polymer 'DNA (227-MER)'
#
loop_
_entity_poly.entity_id
_entity_poly.type
_entity_poly.pdbx_seq_one_letter_code
_entity_poly.pdbx_strand_id
1 'polypeptide(L)'
;MARTKQTARKSTGGKAPRKQLASKAARKSAPSTGGVKKPHRYKPGTVALREIRRFQKSTELLIRKLPFQRLVREIAQDFK
TDLRFQSSAIGALQESVEAYLVSLFEDTNLAAIHAKRVTIQKKDIKLARRLRGERS
;
A,E
2 'polypeptide(L)'
;MSGRGKGGKGLGKGGAKRHRKVLRDNIQGITKPAIRRLARRGGVKRISGLIYEETRGVLKVFLENVIRDAVTYTEHAKRK
TVTAMDVVYALKRQGRTLYGFGG
;
B,F
3 'polypeptide(L)'
;MSGGKGGKAGSAAKASQSRSAKAGLTFPVGRVHRLLRRGNYAQRIGSGAPVYLTAVLEYLAAEILELAGNAARDNKKTRI
IPRHLQLAIRNDDELNKLLGNVTIAQGGVLPNIHQNLLPKKSAKATKASQEL
;
C,G
4 'polypeptide(L)'
;MSAKAEKKPASKAPAEKKPAAKKTSTSTDGKKRSKARKETYSSYIYKVLKQTHPDTGISQKSMSILNSFVNDIFERIATE
ASKLAAYNKKSTISAREIQTAVRLILPGELAKHAVSEGTRAVTKYSSSTQA
;
D,H
5 'polydeoxyribonucleotide'
;(DT)(DC)(DG)(DG)(DT)(DA)(DC)(DC)(DC)(DG)(DG)(DG)(DG)(DA)(DT)(DC)(DC)(DT)(DC)(DT)
(DA)(DG)(DA)(DG)(DT)(DG)(DG)(DG)(DA)(DG)(DC)(DT)(DC)(DG)(DG)(DA)(DA)(DC)(DA)(DC)
(DT)(DA)(DT)(DC)(DC)(DG)(DA)(DC)(DT)(DG)(DG)(DC)(DA)(DC)(DC)(DG)(DG)(DC)(DA)(DA)
(DG)(DG)(DT)(DC)(DG)(DC)(DT)(DG)(DT)(DT)(DC)(DA)(DA)(DT)(DA)(DC)(DA)(DT)(DG)(DC)
(DA)(DC)(DA)(DG)(DG)(DA)(DT)(DG)(DT)(DA)(DT)(DA)(DT)(DA)(DT)(DC)(DT)(DG)(DA)(DC)
(DA)(DC)(DG)(DT)(DG)(DC)(DC)(DT)(DG)(DG)(DA)(DG)(DA)(DC)(DT)(DA)(DG)(DG)(DG)(DA)
(DG)(DT)(DA)(DA)(DT)(DC)(DC)(DC)(DC)(DT)(DT)(DG)(DG)(DC)(DG)(DG)(DT)(DT)(DA)(DA)
(DA)(DA)(DC)(DG)(DC)(DG)(DG)(DG)(DG)(DG)(DA)(DC)(DA)(DG)(DC)(DG)(DC)(DG)(DT)(DA)
(DC)(DG)(DT)(DG)(DC)(DG)(DT)(DT)(DT)(DA)(DA)(DG)(DC)(DG)(DG)(DT)(DG)(DC)(DT)(DA)
(DG)(DA)(DG)(DC)(DT)(DG)(DT)(DC)(DT)(DA)(DC)(DG)(DA)(DC)(DC)(DA)(DA)(DT)(DT)(DG)
(DA)(DG)(DC)(DG)(DG)(DC)(DC)(DT)(DC)(DG)(DG)(DC)(DA)(DC)(DC)(DG)(DG)(DG)(DA)(DT)
(DT)(DC)(DT)(DC)(DC)(DA)(DG)
;
I
6 'polydeoxyribonucleotide'
;(DC)(DT)(DG)(DG)(DA)(DG)(DA)(DA)(DT)(DC)(DC)(DC)(DG)(DG)(DT)(DG)(DC)(DC)(DG)(DA)
(DG)(DG)(DC)(DC)(DG)(DC)(DT)(DC)(DA)(DA)(DT)(DT)(DG)(DG)(DT)(DC)(DG)(DT)(DA)(DG)
(DA)(DC)(DA)(DG)(DC)(DT)(DC)(DT)(DA)(DG)(DC)(DA)(DC)(DC)(DG)(DC)(DT)(DT)(DA)(DA)
(DA)(DC)(DG)(DC)(DA)(DC)(DG)(DT)(DA)(DC)(DG)(DC)(DG)(DC)(DT)(DG)(DT)(DC)(DC)(DC)
(DC)(DC)(DG)(DC)(DG)(DT)(DT)(DT)(DT)(DA)(DA)(DC)(DC)(DG)(DC)(DC)(DA)(DA)(DG)(DG)
(DG)(DG)(DA)(DT)(DT)(DA)(DC)(DT)(DC)(DC)(DC)(DT)(DA)(DG)(DT)(DC)(DT)(DC)(DC)(DA)
(DG)(DG)(DC)(DA)(DC)(DG)(DT)(DG)(DT)(DC)(DA)(DG)(DA)(DT)(DA)(DT)(DA)(DT)(DA)(DC)
(DA)(DT)(DC)(DC)(DT)(DG)(DT)(DG)(DC)(DA)(DT)(DG)(DT)(DA)(DT)(DT)(DG)(DA)(DA)(DC)
(DA)(DG)(DC)(DG)(DA)(DC)(DC)(DT)(DT)(DG)(DC)(DC)(DG)(DG)(DT)(DG)(DC)(DC)(DA)(DG)
(DT)(DC)(DG)(DG)(DA)(DT)(DA)(DG)(DT)(DG)(DT)(DT)(DC)(DC)(DG)(DA)(DG)(DC)(DT)(DC)
(DC)(DC)(DA)(DC)(DT)(DC)(DT)(DA)(DG)(DA)(DG)(DG)(DA)(DT)(DC)(DC)(DC)(DC)(DG)(DG)
(DG)(DT)(DA)(DC)(DC)(DG)(DA)
;
J
#
loop_
_chem_comp.id
_chem_comp.type
_chem_comp.name
_chem_comp.formula
DA DNA linking 2'-DEOXYADENOSINE-5'-MONOPHOSPHATE 'C10 H14 N5 O6 P'
DC DNA linking 2'-DEOXYCYTIDINE-5'-MONOPHOSPHATE 'C9 H14 N3 O7 P'
DG DNA linking 2'-DEOXYGUANOSINE-5'-MONOPHOSPHATE 'C10 H14 N5 O7 P'
DT DNA linking THYMIDINE-5'-MONOPHOSPHATE 'C10 H15 N2 O8 P'
#
# COMPACT_ATOMS: atom_id res chain seq x y z
N PRO A 39 2.02 40.24 38.89
CA PRO A 39 2.37 40.66 37.53
C PRO A 39 1.25 40.42 36.53
N HIS A 40 1.58 40.49 35.24
CA HIS A 40 0.62 40.28 34.17
C HIS A 40 0.86 38.91 33.55
N ARG A 41 -0.17 38.08 33.52
CA ARG A 41 -0.11 36.75 32.94
C ARG A 41 -0.85 36.76 31.60
N TYR A 42 -0.84 35.60 30.93
CA TYR A 42 -1.53 35.44 29.66
C TYR A 42 -2.64 34.41 29.85
N LYS A 43 -3.65 34.49 28.98
CA LYS A 43 -4.76 33.55 29.02
C LYS A 43 -4.26 32.16 28.62
N PRO A 44 -4.68 31.11 29.31
CA PRO A 44 -4.22 29.74 28.97
C PRO A 44 -4.73 29.31 27.61
N GLY A 45 -3.81 28.80 26.78
CA GLY A 45 -4.09 28.49 25.40
C GLY A 45 -3.54 29.50 24.41
N THR A 46 -3.32 30.74 24.82
CA THR A 46 -2.71 31.75 23.95
C THR A 46 -1.23 31.49 23.72
N VAL A 47 -0.50 31.07 24.74
CA VAL A 47 0.89 30.68 24.53
C VAL A 47 0.99 29.25 24.01
N ALA A 48 -0.07 28.46 24.16
CA ALA A 48 -0.11 27.11 23.59
C ALA A 48 -0.04 27.16 22.08
N LEU A 49 -0.83 28.05 21.47
CA LEU A 49 -0.75 28.25 20.03
C LEU A 49 0.56 28.90 19.61
N ARG A 50 1.19 29.68 20.50
CA ARG A 50 2.50 30.25 20.21
C ARG A 50 3.56 29.16 20.10
N GLU A 51 3.58 28.21 21.02
CA GLU A 51 4.51 27.10 20.86
C GLU A 51 4.07 26.08 19.81
N ILE A 52 2.77 26.04 19.46
CA ILE A 52 2.33 25.28 18.29
C ILE A 52 2.97 25.83 17.02
N ARG A 53 2.88 27.15 16.81
CA ARG A 53 3.47 27.72 15.61
C ARG A 53 4.98 27.78 15.68
N ARG A 54 5.55 27.76 16.89
CA ARG A 54 7.00 27.67 17.03
C ARG A 54 7.50 26.29 16.60
N PHE A 55 6.83 25.21 17.03
CA PHE A 55 7.25 23.88 16.62
C PHE A 55 6.96 23.62 15.14
N GLN A 56 5.82 24.09 14.64
CA GLN A 56 5.52 23.91 13.23
C GLN A 56 6.34 24.81 12.32
N LYS A 57 6.88 25.91 12.86
CA LYS A 57 7.87 26.68 12.13
C LYS A 57 9.22 25.96 12.13
N SER A 58 9.47 25.16 13.16
CA SER A 58 10.78 24.54 13.35
C SER A 58 10.98 23.39 12.37
N THR A 59 12.24 22.94 12.31
CA THR A 59 12.66 21.86 11.43
C THR A 59 13.36 20.73 12.16
N GLU A 60 14.10 21.03 13.24
CA GLU A 60 14.95 20.06 13.92
C GLU A 60 14.14 19.03 14.69
N LEU A 61 14.86 18.07 15.27
CA LEU A 61 14.27 16.89 15.88
C LEU A 61 14.07 17.13 17.37
N LEU A 62 12.98 16.58 17.92
CA LEU A 62 12.51 16.92 19.26
C LEU A 62 12.76 15.84 20.31
N ILE A 63 13.64 14.87 20.05
CA ILE A 63 14.02 13.86 21.02
C ILE A 63 15.54 13.66 21.05
N ARG A 64 16.06 13.47 22.26
CA ARG A 64 17.47 13.23 22.48
C ARG A 64 17.87 11.88 21.88
N LYS A 65 19.07 11.83 21.33
CA LYS A 65 19.49 10.69 20.52
C LYS A 65 19.79 9.47 21.39
N LEU A 66 20.41 9.69 22.55
CA LEU A 66 20.84 8.58 23.41
C LEU A 66 19.72 7.71 23.98
N PRO A 67 18.57 8.22 24.49
CA PRO A 67 17.50 7.29 24.88
C PRO A 67 16.94 6.49 23.74
N PHE A 68 16.88 7.09 22.54
CA PHE A 68 16.47 6.35 21.35
C PHE A 68 17.45 5.22 21.06
N GLN A 69 18.74 5.52 21.19
CA GLN A 69 19.79 4.58 20.81
C GLN A 69 19.80 3.40 21.78
N ARG A 70 19.63 3.68 23.07
CA ARG A 70 19.48 2.60 24.05
C ARG A 70 18.19 1.84 23.84
N LEU A 71 17.12 2.52 23.39
CA LEU A 71 15.86 1.86 23.10
C LEU A 71 16.00 0.87 21.96
N VAL A 72 16.64 1.27 20.86
CA VAL A 72 16.79 0.35 19.73
C VAL A 72 17.81 -0.73 20.04
N ARG A 73 18.79 -0.44 20.91
CA ARG A 73 19.73 -1.49 21.30
C ARG A 73 19.07 -2.53 22.20
N GLU A 74 18.19 -2.10 23.09
CA GLU A 74 17.54 -3.05 24.00
C GLU A 74 16.27 -3.66 23.42
N ILE A 75 15.78 -3.15 22.28
CA ILE A 75 14.65 -3.78 21.59
C ILE A 75 15.09 -4.55 20.36
N ALA A 76 16.34 -4.38 19.92
CA ALA A 76 16.85 -5.13 18.78
C ALA A 76 17.74 -6.30 19.17
N GLN A 77 18.15 -6.38 20.44
CA GLN A 77 19.05 -7.43 20.87
C GLN A 77 18.37 -8.80 20.95
N ASP A 78 17.03 -8.83 21.04
CA ASP A 78 16.32 -10.09 21.09
C ASP A 78 16.37 -10.82 19.75
N PHE A 79 16.27 -10.05 18.65
CA PHE A 79 16.35 -10.66 17.32
C PHE A 79 17.77 -11.15 17.03
N LYS A 80 18.77 -10.36 17.40
CA LYS A 80 20.16 -10.76 17.22
C LYS A 80 21.03 -9.99 18.20
N THR A 81 21.93 -10.70 18.86
CA THR A 81 22.89 -10.07 19.76
C THR A 81 24.00 -9.39 18.96
N ASP A 82 24.88 -8.67 19.70
CA ASP A 82 26.04 -7.85 19.31
C ASP A 82 25.93 -7.22 17.94
N LEU A 83 24.82 -6.55 17.68
CA LEU A 83 24.49 -6.00 16.37
C LEU A 83 24.80 -4.51 16.36
N ARG A 84 25.82 -4.12 15.61
CA ARG A 84 26.24 -2.73 15.55
C ARG A 84 25.28 -1.94 14.65
N PHE A 85 25.47 -0.62 14.59
CA PHE A 85 24.51 0.24 13.91
C PHE A 85 25.23 1.38 13.20
N GLN A 86 24.69 1.73 12.04
CA GLN A 86 25.10 2.93 11.32
C GLN A 86 24.37 4.11 11.96
N SER A 87 25.07 5.24 12.12
CA SER A 87 24.48 6.40 12.77
C SER A 87 23.33 6.99 11.97
N SER A 88 23.49 7.07 10.64
CA SER A 88 22.43 7.58 9.79
C SER A 88 21.27 6.61 9.67
N ALA A 89 21.49 5.32 9.96
CA ALA A 89 20.37 4.40 10.11
C ALA A 89 19.54 4.75 11.33
N ILE A 90 20.20 5.12 12.43
CA ILE A 90 19.50 5.60 13.62
C ILE A 90 18.74 6.89 13.30
N GLY A 91 19.35 7.78 12.50
CA GLY A 91 18.64 8.98 12.07
C GLY A 91 17.45 8.70 11.17
N ALA A 92 17.55 7.65 10.35
CA ALA A 92 16.42 7.22 9.54
C ALA A 92 15.29 6.71 10.42
N LEU A 93 15.63 5.91 11.44
CA LEU A 93 14.63 5.43 12.39
C LEU A 93 13.96 6.55 13.15
N GLN A 94 14.75 7.51 13.68
CA GLN A 94 14.27 8.84 14.08
C GLN A 94 13.22 9.46 13.17
N GLU A 95 13.58 9.79 11.93
CA GLU A 95 12.66 10.67 11.22
C GLU A 95 11.45 9.89 10.73
N SER A 96 11.61 8.58 10.52
CA SER A 96 10.47 7.72 10.22
C SER A 96 9.48 7.65 11.38
N VAL A 97 9.99 7.43 12.61
CA VAL A 97 9.04 7.23 13.69
C VAL A 97 8.44 8.57 14.11
N GLU A 98 9.21 9.66 14.00
CA GLU A 98 8.63 10.96 14.32
C GLU A 98 7.60 11.39 13.28
N ALA A 99 7.79 11.03 12.01
CA ALA A 99 6.76 11.30 11.02
C ALA A 99 5.50 10.48 11.29
N TYR A 100 5.68 9.21 11.67
CA TYR A 100 4.52 8.38 12.03
C TYR A 100 3.78 8.98 13.23
N LEU A 101 4.52 9.42 14.24
CA LEU A 101 3.88 9.98 15.43
C LEU A 101 3.22 11.31 15.16
N VAL A 102 3.80 12.17 14.32
CA VAL A 102 3.10 13.44 14.06
C VAL A 102 1.87 13.23 13.18
N SER A 103 1.92 12.27 12.24
CA SER A 103 0.74 11.95 11.45
C SER A 103 -0.35 11.34 12.31
N LEU A 104 0.04 10.43 13.22
CA LEU A 104 -0.92 9.79 14.11
C LEU A 104 -1.52 10.78 15.10
N PHE A 105 -0.70 11.73 15.57
CA PHE A 105 -1.21 12.73 16.52
C PHE A 105 -2.13 13.72 15.83
N GLU A 106 -1.83 14.09 14.57
CA GLU A 106 -2.74 14.92 13.79
C GLU A 106 -4.07 14.20 13.54
N ASP A 107 -4.00 12.92 13.17
CA ASP A 107 -5.22 12.13 12.96
C ASP A 107 -6.00 11.95 14.26
N THR A 108 -5.30 11.79 15.38
CA THR A 108 -5.95 11.63 16.67
C THR A 108 -6.58 12.95 17.12
N ASN A 109 -5.95 14.07 16.78
CA ASN A 109 -6.55 15.38 17.05
C ASN A 109 -7.83 15.58 16.26
N LEU A 110 -7.85 15.14 14.99
CA LEU A 110 -9.10 15.18 14.22
C LEU A 110 -10.15 14.24 14.80
N ALA A 111 -9.74 13.06 15.27
CA ALA A 111 -10.67 12.13 15.90
C ALA A 111 -11.25 12.70 17.19
N ALA A 112 -10.43 13.40 17.96
CA ALA A 112 -10.89 14.01 19.21
C ALA A 112 -11.80 15.19 18.95
N ILE A 113 -11.48 16.02 17.95
CA ILE A 113 -12.29 17.21 17.70
C ILE A 113 -13.61 16.83 17.03
N HIS A 114 -13.67 15.66 16.37
CA HIS A 114 -14.95 15.17 15.91
C HIS A 114 -15.85 14.76 17.08
N ALA A 115 -15.24 14.36 18.21
CA ALA A 115 -15.97 13.87 19.37
C ALA A 115 -16.35 14.98 20.33
N LYS A 116 -16.53 16.21 19.83
CA LYS A 116 -16.99 17.39 20.59
C LYS A 116 -16.06 17.72 21.76
N ARG A 117 -14.76 17.60 21.52
CA ARG A 117 -13.77 17.78 22.57
C ARG A 117 -12.50 18.37 21.95
N VAL A 118 -11.56 18.72 22.83
CA VAL A 118 -10.21 19.09 22.40
C VAL A 118 -9.26 18.16 23.16
N THR A 119 -9.69 17.71 24.34
CA THR A 119 -8.90 16.80 25.14
C THR A 119 -8.86 15.41 24.51
N ILE A 120 -7.67 14.82 24.50
CA ILE A 120 -7.39 13.56 23.80
C ILE A 120 -7.28 12.44 24.83
N GLN A 121 -7.99 11.34 24.60
CA GLN A 121 -8.09 10.25 25.55
C GLN A 121 -7.61 8.94 24.92
N LYS A 122 -7.68 7.87 25.71
CA LYS A 122 -7.24 6.55 25.28
C LYS A 122 -8.06 6.04 24.11
N LYS A 123 -9.38 6.23 24.16
CA LYS A 123 -10.26 5.78 23.11
C LYS A 123 -10.02 6.53 21.79
N ASP A 124 -9.48 7.74 21.84
CA ASP A 124 -9.06 8.42 20.62
C ASP A 124 -7.90 7.69 19.95
N ILE A 125 -6.94 7.21 20.74
CA ILE A 125 -5.84 6.41 20.21
C ILE A 125 -6.36 5.09 19.63
N LYS A 126 -7.28 4.43 20.35
CA LYS A 126 -7.84 3.18 19.85
C LYS A 126 -8.63 3.38 18.56
N LEU A 127 -9.41 4.47 18.50
CA LEU A 127 -10.19 4.77 17.29
C LEU A 127 -9.27 5.07 16.12
N ALA A 128 -8.21 5.86 16.37
CA ALA A 128 -7.28 6.23 15.31
C ALA A 128 -6.53 5.01 14.78
N ARG A 129 -6.05 4.14 15.68
CA ARG A 129 -5.35 2.94 15.23
C ARG A 129 -6.29 1.95 14.54
N ARG A 130 -7.58 1.97 14.90
CA ARG A 130 -8.53 1.14 14.18
C ARG A 130 -8.78 1.66 12.77
N LEU A 131 -8.81 2.99 12.60
CA LEU A 131 -9.08 3.59 11.29
C LEU A 131 -7.89 3.71 10.35
N ARG A 132 -6.65 3.80 10.84
CA ARG A 132 -5.54 3.68 9.90
C ARG A 132 -5.33 2.24 9.43
N GLY A 133 -5.83 1.25 10.18
CA GLY A 133 -5.85 -0.12 9.75
C GLY A 133 -4.86 -1.01 10.47
N GLU A 134 -3.79 -0.44 11.01
CA GLU A 134 -2.78 -1.25 11.67
C GLU A 134 -3.27 -1.78 13.01
N ARG A 135 -2.68 -2.88 13.45
CA ARG A 135 -3.09 -3.52 14.69
C ARG A 135 -1.91 -3.64 15.65
N LEU B 23 12.58 -3.57 32.80
CA LEU B 23 13.93 -3.72 33.29
C LEU B 23 14.58 -2.36 33.59
N ARG B 24 14.93 -1.64 32.53
CA ARG B 24 15.58 -0.35 32.63
C ARG B 24 14.64 0.76 32.20
N ASP B 25 15.13 1.99 32.28
CA ASP B 25 14.37 3.16 31.85
C ASP B 25 14.63 3.43 30.36
N ASN B 26 14.19 2.46 29.55
CA ASN B 26 14.39 2.45 28.11
C ASN B 26 13.15 2.74 27.28
N ILE B 27 12.01 2.08 27.56
CA ILE B 27 10.75 2.55 26.98
C ILE B 27 10.39 3.92 27.55
N GLN B 28 10.49 4.08 28.87
CA GLN B 28 10.22 5.36 29.50
C GLN B 28 11.37 6.33 29.39
N GLY B 29 12.48 5.95 28.73
CA GLY B 29 13.54 6.89 28.44
C GLY B 29 13.13 7.96 27.46
N ILE B 30 12.18 7.65 26.58
CA ILE B 30 11.52 8.68 25.78
C ILE B 30 10.65 9.50 26.73
N THR B 31 11.08 10.71 27.04
CA THR B 31 10.60 11.42 28.22
C THR B 31 9.19 11.97 28.02
N LYS B 32 8.54 12.27 29.15
CA LYS B 32 7.16 12.75 29.14
C LYS B 32 6.92 14.05 28.36
N PRO B 33 7.77 15.10 28.42
CA PRO B 33 7.53 16.24 27.53
C PRO B 33 7.82 15.97 26.05
N ALA B 34 8.47 14.85 25.71
CA ALA B 34 8.78 14.60 24.30
C ALA B 34 7.56 14.16 23.52
N ILE B 35 6.73 13.27 24.11
CA ILE B 35 5.45 12.92 23.50
C ILE B 35 4.57 14.16 23.38
N ARG B 36 4.65 15.05 24.39
CA ARG B 36 3.96 16.33 24.31
C ARG B 36 4.44 17.17 23.14
N ARG B 37 5.76 17.27 22.95
CA ARG B 37 6.33 18.06 21.86
C ARG B 37 5.98 17.48 20.49
N LEU B 38 6.01 16.15 20.37
CA LEU B 38 5.61 15.50 19.13
C LEU B 38 4.13 15.71 18.85
N ALA B 39 3.31 15.76 19.90
CA ALA B 39 1.89 16.06 19.71
C ALA B 39 1.68 17.51 19.30
N ARG B 40 2.49 18.43 19.85
CA ARG B 40 2.42 19.83 19.45
C ARG B 40 2.97 20.08 18.06
N ARG B 41 3.78 19.16 17.54
CA ARG B 41 4.16 19.26 16.13
C ARG B 41 2.97 19.00 15.23
N GLY B 42 2.03 18.17 15.68
CA GLY B 42 0.82 17.91 14.92
C GLY B 42 -0.28 18.94 15.07
N GLY B 43 -0.27 19.73 16.15
CA GLY B 43 -1.25 20.79 16.31
C GLY B 43 -2.35 20.54 17.32
N VAL B 44 -2.07 19.81 18.39
CA VAL B 44 -3.07 19.50 19.41
C VAL B 44 -3.08 20.64 20.42
N LYS B 45 -4.05 20.64 21.34
CA LYS B 45 -3.93 21.53 22.50
C LYS B 45 -3.82 20.75 23.81
N ARG B 46 -4.77 19.87 24.09
CA ARG B 46 -4.90 19.26 25.41
C ARG B 46 -4.53 17.79 25.36
N ILE B 47 -3.61 17.38 26.21
CA ILE B 47 -3.11 16.00 26.26
C ILE B 47 -3.37 15.45 27.66
N SER B 48 -4.07 14.33 27.73
CA SER B 48 -4.30 13.69 29.01
C SER B 48 -3.04 12.99 29.51
N GLY B 49 -2.98 12.81 30.83
CA GLY B 49 -1.77 12.28 31.45
C GLY B 49 -1.55 10.79 31.28
N LEU B 50 -2.61 10.03 31.05
CA LEU B 50 -2.53 8.58 30.93
C LEU B 50 -2.18 8.13 29.53
N ILE B 51 -1.96 9.06 28.61
CA ILE B 51 -1.71 8.74 27.20
C ILE B 51 -0.24 8.43 26.96
N TYR B 52 0.63 8.74 27.92
CA TYR B 52 2.07 8.70 27.67
C TYR B 52 2.59 7.27 27.56
N GLU B 53 2.16 6.38 28.47
CA GLU B 53 2.58 4.99 28.37
C GLU B 53 1.93 4.27 27.19
N GLU B 54 0.72 4.69 26.80
CA GLU B 54 0.07 4.11 25.63
C GLU B 54 0.79 4.53 24.35
N THR B 55 1.18 5.80 24.27
CA THR B 55 1.95 6.25 23.11
C THR B 55 3.33 5.62 23.09
N ARG B 56 3.93 5.36 24.27
CA ARG B 56 5.19 4.63 24.32
C ARG B 56 5.03 3.21 23.80
N GLY B 57 3.88 2.59 24.11
CA GLY B 57 3.53 1.32 23.50
C GLY B 57 3.40 1.41 21.99
N VAL B 58 2.86 2.53 21.50
CA VAL B 58 2.72 2.74 20.06
C VAL B 58 4.08 2.86 19.37
N LEU B 59 4.97 3.68 19.97
CA LEU B 59 6.38 3.76 19.56
C LEU B 59 7.04 2.40 19.47
N LYS B 60 6.92 1.59 20.52
CA LYS B 60 7.63 0.32 20.52
C LYS B 60 6.99 -0.68 19.54
N VAL B 61 5.65 -0.66 19.37
CA VAL B 61 5.02 -1.66 18.52
C VAL B 61 5.27 -1.34 17.06
N PHE B 62 5.44 -0.05 16.72
CA PHE B 62 5.95 0.27 15.39
C PHE B 62 7.42 -0.10 15.27
N LEU B 63 8.14 -0.04 16.39
CA LEU B 63 9.57 -0.24 16.36
C LEU B 63 9.95 -1.69 16.05
N GLU B 64 9.25 -2.70 16.62
CA GLU B 64 9.77 -4.04 16.35
C GLU B 64 9.43 -4.49 14.93
N ASN B 65 8.28 -4.08 14.40
CA ASN B 65 7.94 -4.53 13.07
C ASN B 65 8.47 -3.60 11.98
N VAL B 66 9.24 -2.57 12.35
CA VAL B 66 10.18 -2.06 11.33
C VAL B 66 11.57 -2.70 11.50
N ILE B 67 12.03 -2.95 12.72
CA ILE B 67 13.41 -3.43 12.84
C ILE B 67 13.53 -4.92 12.53
N ARG B 68 12.42 -5.68 12.53
CA ARG B 68 12.54 -7.07 12.13
C ARG B 68 12.80 -7.19 10.63
N ASP B 69 12.18 -6.32 9.83
CA ASP B 69 12.50 -6.26 8.40
C ASP B 69 13.91 -5.75 8.20
N ALA B 70 14.32 -4.77 9.01
CA ALA B 70 15.69 -4.26 8.95
C ALA B 70 16.72 -5.34 9.25
N VAL B 71 16.48 -6.14 10.29
CA VAL B 71 17.46 -7.15 10.63
C VAL B 71 17.39 -8.37 9.71
N THR B 72 16.25 -8.68 9.08
CA THR B 72 16.25 -9.76 8.10
C THR B 72 17.05 -9.37 6.86
N TYR B 73 16.89 -8.11 6.40
CA TYR B 73 17.76 -7.58 5.37
C TYR B 73 19.22 -7.57 5.81
N THR B 74 19.47 -7.35 7.11
CA THR B 74 20.84 -7.34 7.62
C THR B 74 21.46 -8.74 7.60
N GLU B 75 20.73 -9.74 8.09
CA GLU B 75 21.27 -11.10 8.15
C GLU B 75 21.38 -11.75 6.78
N HIS B 76 20.62 -11.28 5.78
CA HIS B 76 20.91 -11.81 4.45
C HIS B 76 22.22 -11.29 3.91
N ALA B 77 22.62 -10.08 4.27
CA ALA B 77 23.87 -9.53 3.76
C ALA B 77 25.10 -10.10 4.45
N LYS B 78 24.91 -10.98 5.46
CA LYS B 78 25.97 -11.53 6.30
C LYS B 78 26.78 -10.44 7.01
N ARG B 79 26.11 -9.35 7.32
CA ARG B 79 26.67 -8.26 8.09
C ARG B 79 26.02 -8.26 9.47
N LYS B 80 26.81 -8.04 10.50
CA LYS B 80 26.31 -7.87 11.85
C LYS B 80 26.44 -6.43 12.35
N THR B 81 26.56 -5.50 11.41
CA THR B 81 26.16 -4.12 11.62
C THR B 81 25.02 -3.79 10.66
N VAL B 82 24.12 -2.92 11.12
CA VAL B 82 22.97 -2.50 10.32
C VAL B 82 23.32 -1.19 9.64
N THR B 83 23.37 -1.20 8.31
CA THR B 83 23.73 -0.01 7.56
C THR B 83 22.50 0.88 7.42
N ALA B 84 22.64 1.97 6.67
CA ALA B 84 21.56 2.94 6.49
C ALA B 84 20.69 2.63 5.29
N MET B 85 21.03 1.60 4.50
CA MET B 85 20.31 1.35 3.27
C MET B 85 19.20 0.32 3.47
N ASP B 86 19.51 -0.78 4.17
CA ASP B 86 18.52 -1.82 4.40
C ASP B 86 17.39 -1.33 5.30
N VAL B 87 17.67 -0.37 6.18
CA VAL B 87 16.63 0.20 7.02
C VAL B 87 15.66 1.06 6.21
N VAL B 88 16.16 1.80 5.22
CA VAL B 88 15.21 2.63 4.47
C VAL B 88 14.47 1.78 3.45
N TYR B 89 15.04 0.66 2.99
CA TYR B 89 14.20 -0.25 2.22
C TYR B 89 13.21 -1.00 3.12
N ALA B 90 13.54 -1.17 4.40
CA ALA B 90 12.57 -1.73 5.33
C ALA B 90 11.42 -0.76 5.58
N LEU B 91 11.69 0.54 5.54
CA LEU B 91 10.58 1.50 5.48
C LEU B 91 9.83 1.44 4.16
N LYS B 92 10.53 1.13 3.07
CA LYS B 92 9.88 0.96 1.76
C LYS B 92 8.97 -0.28 1.74
N ARG B 93 9.21 -1.24 2.64
CA ARG B 93 8.43 -2.49 2.68
C ARG B 93 6.93 -2.26 2.89
N GLN B 94 6.57 -1.50 3.92
CA GLN B 94 5.16 -1.37 4.28
C GLN B 94 4.50 -0.13 3.70
N GLY B 95 5.15 0.54 2.76
CA GLY B 95 4.57 1.73 2.16
C GLY B 95 4.81 2.99 2.95
N ARG B 96 5.88 3.04 3.72
CA ARG B 96 6.23 4.22 4.51
C ARG B 96 7.61 4.71 4.07
N THR B 97 7.79 4.85 2.75
CA THR B 97 9.09 5.13 2.18
C THR B 97 9.64 6.49 2.62
N LEU B 98 10.96 6.57 2.69
CA LEU B 98 11.64 7.73 3.27
C LEU B 98 12.77 8.15 2.34
N TYR B 99 13.06 9.45 2.35
CA TYR B 99 14.07 10.03 1.48
C TYR B 99 15.24 10.52 2.33
N GLY B 100 16.39 10.71 1.69
CA GLY B 100 17.56 11.31 2.29
C GLY B 100 18.71 10.36 2.53
N PHE B 101 18.42 9.17 3.04
CA PHE B 101 19.44 8.16 3.25
C PHE B 101 19.42 7.12 2.14
N GLY B 102 18.63 7.34 1.10
CA GLY B 102 18.54 6.46 -0.04
C GLY B 102 19.70 6.51 -1.00
N GLY B 103 20.58 7.50 -0.84
CA GLY B 103 21.76 7.60 -1.68
C GLY B 103 23.03 7.24 -0.94
N GLN C 17 11.57 -39.66 -14.02
CA GLN C 17 10.90 -39.50 -12.73
C GLN C 17 10.73 -38.02 -12.39
N SER C 18 9.59 -37.68 -11.79
CA SER C 18 9.26 -36.29 -11.50
C SER C 18 10.05 -35.79 -10.30
N ARG C 19 10.50 -34.53 -10.39
CA ARG C 19 11.28 -33.93 -9.32
C ARG C 19 10.42 -33.58 -8.10
N SER C 20 9.11 -33.43 -8.30
CA SER C 20 8.20 -33.30 -7.17
C SER C 20 8.14 -34.58 -6.32
N ALA C 21 8.35 -35.73 -6.95
CA ALA C 21 8.42 -36.98 -6.20
C ALA C 21 9.71 -37.08 -5.40
N LYS C 22 10.84 -36.71 -6.01
CA LYS C 22 12.13 -36.76 -5.31
C LYS C 22 12.26 -35.64 -4.28
N ALA C 23 11.42 -34.62 -4.34
CA ALA C 23 11.26 -33.68 -3.24
C ALA C 23 10.09 -34.05 -2.33
N GLY C 24 9.29 -35.05 -2.70
CA GLY C 24 8.16 -35.48 -1.90
C GLY C 24 7.04 -34.47 -1.78
N LEU C 25 6.79 -33.71 -2.84
CA LEU C 25 5.80 -32.63 -2.82
C LEU C 25 4.81 -32.82 -3.95
N THR C 26 3.63 -32.21 -3.82
CA THR C 26 2.54 -32.43 -4.77
C THR C 26 2.20 -31.18 -5.58
N PHE C 27 3.05 -30.16 -5.57
CA PHE C 27 2.92 -28.97 -6.42
C PHE C 27 4.06 -28.91 -7.44
N PRO C 28 3.79 -28.40 -8.67
CA PRO C 28 4.65 -28.73 -9.81
C PRO C 28 5.94 -27.93 -9.88
N VAL C 29 7.01 -28.48 -9.30
CA VAL C 29 8.34 -27.83 -9.30
C VAL C 29 8.82 -27.49 -10.70
N GLY C 30 8.48 -28.33 -11.70
CA GLY C 30 8.78 -27.97 -13.07
C GLY C 30 7.98 -26.79 -13.58
N ARG C 31 6.68 -26.75 -13.27
CA ARG C 31 5.83 -25.68 -13.78
C ARG C 31 6.12 -24.36 -13.07
N VAL C 32 6.30 -24.39 -11.75
CA VAL C 32 6.62 -23.14 -11.05
C VAL C 32 8.06 -22.72 -11.36
N HIS C 33 8.93 -23.68 -11.66
CA HIS C 33 10.27 -23.33 -12.13
C HIS C 33 10.23 -22.68 -13.50
N ARG C 34 9.35 -23.16 -14.37
CA ARG C 34 9.20 -22.59 -15.71
C ARG C 34 8.60 -21.19 -15.63
N LEU C 35 7.58 -21.02 -14.77
CA LEU C 35 6.98 -19.72 -14.53
C LEU C 35 7.97 -18.74 -13.90
N LEU C 36 8.87 -19.25 -13.06
CA LEU C 36 9.93 -18.42 -12.51
C LEU C 36 10.97 -18.10 -13.58
N ARG C 37 11.19 -19.01 -14.52
CA ARG C 37 12.14 -18.81 -15.62
C ARG C 37 11.70 -17.68 -16.54
N ARG C 38 10.42 -17.62 -16.89
CA ARG C 38 9.98 -16.42 -17.60
C ARG C 38 9.42 -15.38 -16.64
N GLY C 39 9.63 -15.61 -15.35
CA GLY C 39 9.17 -14.71 -14.32
C GLY C 39 9.95 -13.40 -14.30
N ASN C 40 11.11 -13.41 -14.96
CA ASN C 40 11.84 -12.20 -15.37
C ASN C 40 12.34 -11.46 -14.12
N TYR C 41 13.05 -12.20 -13.29
CA TYR C 41 13.47 -11.72 -11.98
C TYR C 41 14.98 -11.54 -11.88
N ALA C 42 15.75 -12.51 -12.39
CA ALA C 42 17.19 -12.36 -12.51
C ALA C 42 17.67 -13.25 -13.65
N GLN C 43 18.96 -13.13 -13.97
CA GLN C 43 19.49 -13.87 -15.11
C GLN C 43 19.72 -15.34 -14.80
N ARG C 44 19.74 -15.74 -13.54
CA ARG C 44 19.98 -17.13 -13.18
C ARG C 44 19.14 -17.52 -11.97
N ILE C 45 18.64 -18.75 -11.98
CA ILE C 45 17.77 -19.29 -10.94
C ILE C 45 18.34 -20.61 -10.46
N GLY C 46 18.52 -20.74 -9.14
CA GLY C 46 19.04 -21.97 -8.56
C GLY C 46 18.05 -23.10 -8.58
N SER C 47 18.58 -24.31 -8.38
CA SER C 47 17.77 -25.52 -8.47
C SER C 47 16.86 -25.70 -7.26
N GLY C 48 17.36 -25.41 -6.05
CA GLY C 48 16.57 -25.62 -4.86
C GLY C 48 15.54 -24.55 -4.60
N ALA C 49 15.62 -23.42 -5.29
CA ALA C 49 14.66 -22.34 -5.09
C ALA C 49 13.23 -22.69 -5.48
N PRO C 50 12.93 -23.31 -6.65
CA PRO C 50 11.54 -23.75 -6.86
C PRO C 50 11.10 -24.86 -5.93
N VAL C 51 12.04 -25.65 -5.40
CA VAL C 51 11.69 -26.69 -4.43
C VAL C 51 11.22 -26.06 -3.12
N TYR C 52 11.98 -25.07 -2.63
CA TYR C 52 11.59 -24.36 -1.41
C TYR C 52 10.30 -23.55 -1.61
N LEU C 53 10.14 -22.96 -2.80
CA LEU C 53 8.93 -22.21 -3.11
C LEU C 53 7.72 -23.13 -3.16
N THR C 54 7.88 -24.30 -3.76
CA THR C 54 6.82 -25.31 -3.81
C THR C 54 6.46 -25.79 -2.41
N ALA C 55 7.47 -25.96 -1.54
CA ALA C 55 7.23 -26.39 -0.18
C ALA C 55 6.44 -25.37 0.63
N VAL C 56 6.80 -24.08 0.50
CA VAL C 56 6.08 -23.08 1.31
C VAL C 56 4.67 -22.86 0.79
N LEU C 57 4.46 -22.91 -0.54
CA LEU C 57 3.10 -22.89 -1.08
C LEU C 57 2.31 -24.13 -0.68
N GLU C 58 2.97 -25.29 -0.59
CA GLU C 58 2.27 -26.51 -0.19
C GLU C 58 1.82 -26.45 1.27
N TYR C 59 2.69 -25.97 2.16
CA TYR C 59 2.31 -25.83 3.57
C TYR C 59 1.21 -24.81 3.75
N LEU C 60 1.31 -23.68 3.03
CA LEU C 60 0.33 -22.61 3.20
C LEU C 60 -1.02 -23.01 2.63
N ALA C 61 -1.02 -23.71 1.49
CA ALA C 61 -2.25 -24.25 0.93
C ALA C 61 -2.85 -25.32 1.85
N ALA C 62 -1.99 -26.15 2.45
CA ALA C 62 -2.46 -27.19 3.36
C ALA C 62 -3.14 -26.58 4.59
N GLU C 63 -2.57 -25.49 5.13
CA GLU C 63 -3.19 -24.85 6.28
C GLU C 63 -4.49 -24.14 5.93
N ILE C 64 -4.54 -23.44 4.79
CA ILE C 64 -5.78 -22.73 4.46
C ILE C 64 -6.89 -23.72 4.09
N LEU C 65 -6.57 -24.83 3.43
CA LEU C 65 -7.60 -25.84 3.18
C LEU C 65 -7.95 -26.62 4.44
N GLU C 66 -7.02 -26.73 5.39
CA GLU C 66 -7.36 -27.33 6.68
C GLU C 66 -8.38 -26.49 7.43
N LEU C 67 -8.18 -25.18 7.46
CA LEU C 67 -9.15 -24.29 8.10
C LEU C 67 -10.48 -24.27 7.35
N ALA C 68 -10.43 -24.33 6.01
CA ALA C 68 -11.67 -24.38 5.23
C ALA C 68 -12.42 -25.69 5.46
N GLY C 69 -11.69 -26.81 5.57
CA GLY C 69 -12.34 -28.07 5.85
C GLY C 69 -12.93 -28.14 7.24
N ASN C 70 -12.24 -27.56 8.22
CA ASN C 70 -12.80 -27.49 9.58
C ASN C 70 -14.04 -26.61 9.62
N ALA C 71 -14.04 -25.49 8.88
CA ALA C 71 -15.23 -24.65 8.81
C ALA C 71 -16.37 -25.36 8.09
N ALA C 72 -16.04 -26.18 7.08
CA ALA C 72 -17.06 -26.99 6.41
C ALA C 72 -17.65 -28.04 7.35
N ARG C 73 -16.80 -28.66 8.18
CA ARG C 73 -17.29 -29.67 9.11
C ARG C 73 -18.08 -29.05 10.26
N ASP C 74 -17.83 -27.78 10.58
CA ASP C 74 -18.61 -27.13 11.62
C ASP C 74 -20.04 -26.84 11.19
N ASN C 75 -20.27 -26.58 9.91
CA ASN C 75 -21.58 -26.18 9.41
C ASN C 75 -22.19 -27.19 8.45
N LYS C 76 -21.98 -28.49 8.75
CA LYS C 76 -22.64 -29.67 8.14
C LYS C 76 -22.53 -29.74 6.61
N LYS C 77 -21.60 -29.00 6.02
CA LYS C 77 -21.52 -28.85 4.57
C LYS C 77 -20.31 -29.63 4.05
N THR C 78 -20.52 -30.36 2.96
CA THR C 78 -19.44 -31.12 2.33
C THR C 78 -18.97 -30.49 1.02
N ARG C 79 -19.46 -29.30 0.68
CA ARG C 79 -18.95 -28.54 -0.45
C ARG C 79 -18.43 -27.20 0.04
N ILE C 80 -17.30 -26.77 -0.50
CA ILE C 80 -16.72 -25.50 -0.09
C ILE C 80 -17.38 -24.37 -0.86
N ILE C 81 -17.92 -23.40 -0.13
CA ILE C 81 -18.58 -22.23 -0.68
C ILE C 81 -17.63 -21.08 -0.31
N PRO C 82 -17.55 -19.99 -1.08
CA PRO C 82 -16.68 -18.87 -0.66
C PRO C 82 -17.10 -18.18 0.62
N ARG C 83 -18.35 -18.35 1.06
CA ARG C 83 -18.73 -17.91 2.40
C ARG C 83 -17.94 -18.66 3.46
N HIS C 84 -17.81 -19.97 3.30
CA HIS C 84 -16.99 -20.77 4.20
C HIS C 84 -15.51 -20.41 4.07
N LEU C 85 -15.07 -20.00 2.88
CA LEU C 85 -13.72 -19.50 2.71
C LEU C 85 -13.49 -18.21 3.47
N GLN C 86 -14.48 -17.31 3.48
CA GLN C 86 -14.34 -16.05 4.22
C GLN C 86 -14.34 -16.30 5.72
N LEU C 87 -15.22 -17.18 6.20
CA LEU C 87 -15.18 -17.61 7.60
C LEU C 87 -13.87 -18.29 7.97
N ALA C 88 -13.26 -19.00 7.01
CA ALA C 88 -11.98 -19.63 7.29
C ALA C 88 -10.82 -18.63 7.30
N ILE C 89 -10.87 -17.61 6.44
CA ILE C 89 -9.72 -16.73 6.30
C ILE C 89 -9.76 -15.57 7.30
N ARG C 90 -10.95 -15.19 7.80
CA ARG C 90 -11.04 -14.02 8.65
C ARG C 90 -11.08 -14.32 10.14
N ASN C 91 -11.36 -15.57 10.54
CA ASN C 91 -11.37 -15.88 11.97
C ASN C 91 -9.95 -15.93 12.54
N ASP C 92 -9.01 -16.50 11.79
CA ASP C 92 -7.62 -16.53 12.23
C ASP C 92 -7.00 -15.16 12.04
N ASP C 93 -6.50 -14.57 13.14
CA ASP C 93 -5.99 -13.20 13.10
C ASP C 93 -4.71 -13.08 12.30
N GLU C 94 -3.91 -14.15 12.22
CA GLU C 94 -2.71 -14.13 11.39
C GLU C 94 -3.05 -14.02 9.91
N LEU C 95 -3.94 -14.89 9.44
CA LEU C 95 -4.36 -14.84 8.05
C LEU C 95 -5.21 -13.61 7.76
N ASN C 96 -5.92 -13.10 8.76
CA ASN C 96 -6.60 -11.81 8.62
C ASN C 96 -5.59 -10.69 8.44
N LYS C 97 -4.48 -10.74 9.17
CA LYS C 97 -3.43 -9.74 9.06
C LYS C 97 -2.69 -9.84 7.73
N LEU C 98 -2.53 -11.03 7.18
CA LEU C 98 -1.87 -11.14 5.89
C LEU C 98 -2.82 -10.83 4.74
N LEU C 99 -4.12 -11.13 4.89
CA LEU C 99 -5.12 -10.87 3.85
C LEU C 99 -5.93 -9.63 4.18
N GLY C 100 -5.30 -8.63 4.81
CA GLY C 100 -6.02 -7.45 5.23
C GLY C 100 -6.43 -6.52 4.10
N ASN C 101 -5.70 -6.53 3.00
CA ASN C 101 -6.00 -5.68 1.86
C ASN C 101 -6.76 -6.43 0.76
N VAL C 102 -7.15 -7.68 1.01
CA VAL C 102 -7.74 -8.54 0.00
C VAL C 102 -9.16 -8.88 0.41
N THR C 103 -10.10 -8.73 -0.52
CA THR C 103 -11.48 -9.14 -0.33
C THR C 103 -11.75 -10.40 -1.15
N ILE C 104 -12.75 -11.16 -0.74
CA ILE C 104 -13.05 -12.45 -1.36
C ILE C 104 -14.36 -12.34 -2.13
N ALA C 105 -14.37 -12.88 -3.35
CA ALA C 105 -15.58 -12.94 -4.16
C ALA C 105 -16.64 -13.79 -3.45
N GLN C 106 -17.84 -13.22 -3.29
CA GLN C 106 -18.97 -13.79 -2.56
C GLN C 106 -18.58 -14.21 -1.15
N GLY C 107 -17.79 -13.37 -0.47
CA GLY C 107 -17.23 -13.76 0.81
C GLY C 107 -18.21 -13.60 1.96
N GLY C 108 -18.67 -12.37 2.19
CA GLY C 108 -19.49 -12.06 3.34
C GLY C 108 -18.69 -11.46 4.47
N VAL C 109 -19.39 -11.17 5.57
CA VAL C 109 -18.82 -10.54 6.75
C VAL C 109 -19.00 -11.47 7.93
N LEU C 110 -17.98 -11.53 8.79
CA LEU C 110 -18.12 -12.23 10.07
C LEU C 110 -19.17 -11.53 10.92
N PRO C 111 -20.05 -12.26 11.60
CA PRO C 111 -21.04 -11.61 12.46
C PRO C 111 -20.40 -11.05 13.73
N ASN C 112 -20.19 -9.74 13.76
CA ASN C 112 -19.60 -9.06 14.91
C ASN C 112 -20.53 -7.93 15.33
N ILE C 113 -20.84 -7.88 16.62
CA ILE C 113 -21.77 -6.89 17.17
C ILE C 113 -21.08 -6.26 18.38
N HIS C 114 -21.06 -4.93 18.42
CA HIS C 114 -20.56 -4.22 19.59
C HIS C 114 -21.55 -4.39 20.74
N GLN C 115 -21.02 -4.36 21.97
CA GLN C 115 -21.76 -4.80 23.15
C GLN C 115 -22.98 -3.96 23.48
N ASN C 116 -22.96 -2.65 23.18
CA ASN C 116 -24.14 -1.83 23.42
C ASN C 116 -25.01 -1.66 22.18
N LEU C 117 -24.63 -2.23 21.03
CA LEU C 117 -25.56 -2.30 19.91
C LEU C 117 -26.71 -3.23 20.23
N LEU C 118 -26.47 -4.27 21.03
CA LEU C 118 -27.55 -5.04 21.60
C LEU C 118 -28.31 -4.18 22.60
N PRO C 119 -29.63 -4.08 22.49
CA PRO C 119 -30.39 -3.16 23.34
C PRO C 119 -30.65 -3.78 24.71
N LYS C 120 -31.38 -3.03 25.53
CA LYS C 120 -31.83 -3.40 26.88
C LYS C 120 -30.66 -3.71 27.81
N LYS C 121 -30.95 -4.40 28.92
CA LYS C 121 -29.93 -4.79 29.89
C LYS C 121 -30.21 -6.22 30.34
N SER C 122 -29.14 -6.90 30.77
CA SER C 122 -29.15 -8.29 31.25
C SER C 122 -29.77 -9.26 30.24
N ARG D 37 -5.79 -23.56 -24.46
CA ARG D 37 -5.15 -24.42 -23.47
C ARG D 37 -4.49 -23.57 -22.39
N LYS D 38 -5.07 -23.58 -21.19
CA LYS D 38 -4.56 -22.81 -20.07
C LYS D 38 -4.20 -23.73 -18.90
N GLU D 39 -3.33 -23.22 -18.03
CA GLU D 39 -2.79 -23.99 -16.93
C GLU D 39 -3.32 -23.49 -15.59
N THR D 40 -3.38 -24.41 -14.61
CA THR D 40 -3.85 -24.13 -13.27
C THR D 40 -3.28 -25.18 -12.33
N TYR D 41 -3.84 -25.25 -11.12
CA TYR D 41 -3.41 -26.21 -10.11
C TYR D 41 -4.56 -27.09 -9.64
N SER D 42 -5.36 -27.61 -10.57
CA SER D 42 -6.60 -28.30 -10.20
C SER D 42 -6.35 -29.63 -9.49
N SER D 43 -5.65 -30.54 -10.18
CA SER D 43 -5.39 -31.86 -9.64
C SER D 43 -4.50 -31.81 -8.41
N TYR D 44 -3.64 -30.80 -8.33
CA TYR D 44 -2.64 -30.74 -7.26
C TYR D 44 -3.25 -30.25 -5.95
N ILE D 45 -3.99 -29.15 -5.98
CA ILE D 45 -4.72 -28.69 -4.80
C ILE D 45 -5.81 -29.70 -4.43
N TYR D 46 -6.41 -30.36 -5.43
CA TYR D 46 -7.38 -31.41 -5.14
C TYR D 46 -6.74 -32.62 -4.47
N LYS D 47 -5.51 -32.98 -4.86
CA LYS D 47 -4.82 -34.08 -4.20
C LYS D 47 -4.39 -33.71 -2.79
N VAL D 48 -4.02 -32.45 -2.58
CA VAL D 48 -3.74 -31.96 -1.21
C VAL D 48 -4.98 -32.09 -0.35
N LEU D 49 -6.14 -31.69 -0.88
CA LEU D 49 -7.38 -31.78 -0.13
C LEU D 49 -7.77 -33.22 0.14
N LYS D 50 -7.70 -34.09 -0.87
CA LYS D 50 -8.06 -35.49 -0.67
C LYS D 50 -7.05 -36.22 0.21
N GLN D 51 -5.83 -35.69 0.34
CA GLN D 51 -4.94 -36.15 1.39
C GLN D 51 -5.48 -35.75 2.77
N THR D 52 -5.90 -34.49 2.93
CA THR D 52 -6.34 -34.08 4.26
C THR D 52 -7.83 -34.26 4.52
N HIS D 53 -8.67 -34.31 3.47
CA HIS D 53 -10.11 -34.47 3.62
C HIS D 53 -10.62 -35.34 2.47
N PRO D 54 -11.01 -36.59 2.75
CA PRO D 54 -11.51 -37.45 1.68
C PRO D 54 -13.00 -37.29 1.41
N ASP D 55 -13.62 -36.28 2.01
CA ASP D 55 -15.07 -36.13 1.93
C ASP D 55 -15.58 -34.74 1.55
N THR D 56 -14.73 -33.72 1.49
CA THR D 56 -15.18 -32.36 1.23
C THR D 56 -15.05 -32.06 -0.27
N GLY D 57 -16.07 -31.41 -0.83
CA GLY D 57 -16.05 -31.00 -2.22
C GLY D 57 -15.60 -29.56 -2.41
N ILE D 58 -15.33 -29.22 -3.67
CA ILE D 58 -14.80 -27.92 -4.06
C ILE D 58 -15.62 -27.35 -5.20
N SER D 59 -16.20 -26.17 -4.98
CA SER D 59 -16.81 -25.41 -6.06
C SER D 59 -15.73 -24.79 -6.93
N GLN D 60 -16.02 -24.68 -8.23
CA GLN D 60 -15.03 -24.18 -9.18
C GLN D 60 -14.69 -22.71 -8.96
N LYS D 61 -15.66 -21.92 -8.50
CA LYS D 61 -15.36 -20.53 -8.19
C LYS D 61 -14.59 -20.41 -6.88
N SER D 62 -14.83 -21.33 -5.95
CA SER D 62 -13.98 -21.43 -4.76
C SER D 62 -12.58 -21.85 -5.15
N MET D 63 -12.47 -22.71 -6.16
CA MET D 63 -11.14 -23.12 -6.59
C MET D 63 -10.45 -21.97 -7.31
N SER D 64 -11.22 -21.11 -7.98
CA SER D 64 -10.65 -19.91 -8.58
C SER D 64 -10.20 -18.91 -7.52
N ILE D 65 -10.92 -18.83 -6.38
CA ILE D 65 -10.44 -18.10 -5.21
C ILE D 65 -9.07 -18.61 -4.80
N LEU D 66 -8.93 -19.93 -4.67
CA LEU D 66 -7.65 -20.50 -4.24
C LEU D 66 -6.56 -20.32 -5.30
N ASN D 67 -6.91 -20.33 -6.59
CA ASN D 67 -5.90 -20.16 -7.64
C ASN D 67 -5.38 -18.74 -7.67
N SER D 68 -6.29 -17.75 -7.61
CA SER D 68 -5.89 -16.35 -7.55
C SER D 68 -5.10 -16.08 -6.26
N PHE D 69 -5.49 -16.74 -5.17
CA PHE D 69 -4.75 -16.68 -3.92
C PHE D 69 -3.32 -17.20 -4.05
N VAL D 70 -3.17 -18.39 -4.62
CA VAL D 70 -1.86 -19.05 -4.60
C VAL D 70 -0.90 -18.36 -5.57
N ASN D 71 -1.39 -17.91 -6.73
CA ASN D 71 -0.45 -17.20 -7.60
C ASN D 71 -0.26 -15.75 -7.20
N ASP D 72 -1.18 -15.18 -6.41
CA ASP D 72 -0.94 -13.88 -5.80
C ASP D 72 0.20 -13.96 -4.79
N ILE D 73 0.15 -14.96 -3.90
CA ILE D 73 1.23 -15.16 -2.92
C ILE D 73 2.54 -15.47 -3.62
N PHE D 74 2.48 -16.28 -4.70
CA PHE D 74 3.66 -16.58 -5.51
C PHE D 74 4.25 -15.32 -6.12
N GLU D 75 3.42 -14.42 -6.64
CA GLU D 75 3.94 -13.21 -7.26
C GLU D 75 4.56 -12.28 -6.24
N ARG D 76 3.96 -12.16 -5.05
CA ARG D 76 4.55 -11.33 -3.99
C ARG D 76 5.90 -11.88 -3.54
N ILE D 77 5.99 -13.19 -3.31
CA ILE D 77 7.23 -13.73 -2.77
C ILE D 77 8.32 -13.72 -3.84
N ALA D 78 7.94 -13.89 -5.12
CA ALA D 78 8.91 -13.87 -6.21
C ALA D 78 9.40 -12.46 -6.49
N THR D 79 8.51 -11.46 -6.41
CA THR D 79 8.93 -10.08 -6.60
C THR D 79 9.84 -9.61 -5.49
N GLU D 80 9.55 -10.03 -4.25
CA GLU D 80 10.40 -9.65 -3.13
C GLU D 80 11.75 -10.34 -3.26
N ALA D 81 11.74 -11.60 -3.73
CA ALA D 81 12.98 -12.33 -3.98
C ALA D 81 13.82 -11.66 -5.06
N SER D 82 13.17 -11.19 -6.13
CA SER D 82 13.88 -10.49 -7.20
C SER D 82 14.52 -9.21 -6.69
N LYS D 83 13.76 -8.44 -5.90
CA LYS D 83 14.32 -7.22 -5.32
C LYS D 83 15.50 -7.54 -4.43
N LEU D 84 15.33 -8.44 -3.48
CA LEU D 84 16.38 -8.67 -2.49
C LEU D 84 17.59 -9.38 -3.09
N ALA D 85 17.41 -10.10 -4.21
CA ALA D 85 18.56 -10.57 -4.96
C ALA D 85 19.30 -9.43 -5.63
N ALA D 86 18.58 -8.45 -6.19
CA ALA D 86 19.26 -7.32 -6.81
C ALA D 86 19.88 -6.38 -5.77
N TYR D 87 19.32 -6.37 -4.57
CA TYR D 87 19.71 -5.46 -3.50
C TYR D 87 21.13 -5.73 -3.02
N ASN D 88 21.51 -7.01 -3.01
CA ASN D 88 22.85 -7.42 -2.60
C ASN D 88 23.75 -7.72 -3.79
N LYS D 89 23.53 -7.01 -4.91
CA LYS D 89 24.27 -7.09 -6.19
C LYS D 89 24.55 -8.52 -6.66
N LYS D 90 23.57 -9.41 -6.44
CA LYS D 90 23.66 -10.80 -6.85
C LYS D 90 22.77 -11.04 -8.06
N SER D 91 23.34 -11.57 -9.12
CA SER D 91 22.63 -11.80 -10.37
C SER D 91 21.89 -13.12 -10.39
N THR D 92 21.98 -13.92 -9.33
CA THR D 92 21.42 -15.26 -9.29
C THR D 92 20.27 -15.34 -8.30
N ILE D 93 19.29 -16.18 -8.63
CA ILE D 93 18.23 -16.55 -7.71
C ILE D 93 18.62 -17.88 -7.06
N SER D 94 18.52 -17.96 -5.74
CA SER D 94 18.93 -19.14 -5.00
C SER D 94 17.92 -19.40 -3.89
N ALA D 95 18.31 -20.24 -2.93
CA ALA D 95 17.42 -20.59 -1.82
C ALA D 95 17.53 -19.62 -0.65
N ARG D 96 18.66 -18.94 -0.50
CA ARG D 96 18.86 -18.11 0.68
C ARG D 96 18.06 -16.81 0.62
N GLU D 97 17.91 -16.22 -0.56
CA GLU D 97 17.16 -14.97 -0.60
C GLU D 97 15.65 -15.21 -0.59
N ILE D 98 15.17 -16.32 -1.13
CA ILE D 98 13.77 -16.65 -0.91
C ILE D 98 13.55 -17.09 0.52
N GLN D 99 14.58 -17.65 1.17
CA GLN D 99 14.53 -17.93 2.60
C GLN D 99 14.34 -16.65 3.41
N THR D 100 15.18 -15.64 3.17
CA THR D 100 15.06 -14.35 3.85
C THR D 100 13.71 -13.69 3.54
N ALA D 101 13.28 -13.81 2.29
CA ALA D 101 12.01 -13.22 1.88
C ALA D 101 10.82 -13.91 2.54
N VAL D 102 10.88 -15.23 2.74
CA VAL D 102 9.71 -15.89 3.32
C VAL D 102 9.71 -15.70 4.85
N ARG D 103 10.87 -15.44 5.47
CA ARG D 103 10.80 -14.93 6.83
C ARG D 103 10.17 -13.55 6.88
N LEU D 104 10.48 -12.69 5.92
CA LEU D 104 10.06 -11.30 6.08
C LEU D 104 8.65 -10.99 5.60
N ILE D 105 8.09 -11.75 4.65
CA ILE D 105 6.73 -11.46 4.20
C ILE D 105 5.70 -12.34 4.91
N LEU D 106 6.08 -13.54 5.35
CA LEU D 106 5.22 -14.32 6.21
C LEU D 106 5.54 -14.00 7.67
N PRO D 107 4.56 -13.52 8.43
CA PRO D 107 4.81 -13.23 9.85
C PRO D 107 4.74 -14.50 10.69
N GLY D 108 4.69 -14.30 12.02
CA GLY D 108 4.85 -15.34 13.03
C GLY D 108 3.98 -16.58 12.92
N GLU D 109 4.59 -17.74 13.22
CA GLU D 109 4.11 -19.14 13.23
C GLU D 109 3.55 -19.63 11.88
N LEU D 110 3.54 -18.78 10.86
CA LEU D 110 3.57 -19.22 9.48
C LEU D 110 4.90 -18.91 8.81
N ALA D 111 5.76 -18.14 9.47
CA ALA D 111 7.15 -18.02 9.07
C ALA D 111 7.95 -19.28 9.44
N LYS D 112 8.03 -19.58 10.74
CA LYS D 112 8.95 -20.61 11.22
C LYS D 112 8.50 -22.00 10.80
N HIS D 113 7.19 -22.23 10.71
CA HIS D 113 6.68 -23.53 10.28
C HIS D 113 6.98 -23.78 8.81
N ALA D 114 6.76 -22.77 7.97
CA ALA D 114 7.07 -22.87 6.55
C ALA D 114 8.56 -23.03 6.32
N VAL D 115 9.37 -22.32 7.10
CA VAL D 115 10.83 -22.42 6.98
C VAL D 115 11.30 -23.81 7.37
N SER D 116 10.71 -24.37 8.44
CA SER D 116 11.07 -25.71 8.90
C SER D 116 10.72 -26.78 7.87
N GLU D 117 9.47 -26.75 7.37
CA GLU D 117 9.08 -27.77 6.38
C GLU D 117 9.79 -27.59 5.06
N GLY D 118 10.08 -26.35 4.66
CA GLY D 118 10.79 -26.14 3.41
C GLY D 118 12.26 -26.54 3.49
N THR D 119 12.89 -26.33 4.66
CA THR D 119 14.23 -26.85 4.86
C THR D 119 14.24 -28.37 4.86
N ARG D 120 13.19 -28.98 5.43
CA ARG D 120 13.01 -30.43 5.34
C ARG D 120 12.88 -30.89 3.90
N ALA D 121 12.12 -30.15 3.09
CA ALA D 121 11.90 -30.52 1.69
C ALA D 121 13.18 -30.36 0.86
N VAL D 122 13.92 -29.27 1.07
CA VAL D 122 15.13 -29.09 0.26
C VAL D 122 16.23 -30.07 0.70
N THR D 123 16.26 -30.44 2.00
CA THR D 123 17.23 -31.43 2.42
C THR D 123 16.87 -32.82 1.92
N LYS D 124 15.58 -33.17 1.89
CA LYS D 124 15.19 -34.46 1.35
C LYS D 124 15.25 -34.48 -0.18
N TYR D 125 15.30 -33.32 -0.83
CA TYR D 125 15.55 -33.28 -2.26
C TYR D 125 17.04 -33.39 -2.57
N SER D 126 17.88 -32.70 -1.80
CA SER D 126 19.32 -32.75 -2.02
C SER D 126 19.93 -34.09 -1.62
N SER D 127 19.40 -34.71 -0.56
CA SER D 127 19.84 -36.05 -0.19
C SER D 127 19.45 -37.06 -1.25
N SER D 128 18.24 -36.92 -1.81
CA SER D 128 17.80 -37.76 -2.92
C SER D 128 18.18 -37.11 -4.25
N THR D 129 19.48 -36.94 -4.45
CA THR D 129 20.01 -36.30 -5.64
C THR D 129 19.97 -37.24 -6.84
N PRO E 39 -54.00 -5.16 16.18
CA PRO E 39 -53.55 -3.79 16.50
C PRO E 39 -52.17 -3.79 17.13
N HIS E 40 -51.25 -4.56 16.57
CA HIS E 40 -49.91 -4.71 17.12
C HIS E 40 -48.92 -3.88 16.31
N ARG E 41 -47.96 -3.27 17.01
CA ARG E 41 -46.89 -2.51 16.38
C ARG E 41 -45.59 -2.88 17.07
N TYR E 42 -44.56 -3.18 16.29
CA TYR E 42 -43.32 -3.70 16.82
C TYR E 42 -42.38 -2.57 17.22
N LYS E 43 -41.51 -2.88 18.18
CA LYS E 43 -40.58 -1.89 18.71
C LYS E 43 -39.51 -1.55 17.67
N PRO E 44 -39.17 -0.27 17.51
CA PRO E 44 -38.02 0.09 16.67
C PRO E 44 -36.71 -0.42 17.26
N GLY E 45 -36.10 -1.39 16.58
CA GLY E 45 -34.91 -2.03 17.11
C GLY E 45 -35.05 -3.53 17.21
N THR E 46 -36.28 -4.04 17.10
CA THR E 46 -36.48 -5.48 17.04
C THR E 46 -36.30 -5.99 15.62
N VAL E 47 -37.16 -5.53 14.71
CA VAL E 47 -37.14 -6.00 13.33
C VAL E 47 -35.88 -5.53 12.62
N ALA E 48 -35.36 -4.36 12.99
CA ALA E 48 -34.15 -3.84 12.37
C ALA E 48 -32.94 -4.68 12.75
N LEU E 49 -32.80 -5.01 14.03
CA LEU E 49 -31.69 -5.85 14.46
C LEU E 49 -31.81 -7.26 13.91
N ARG E 50 -33.03 -7.78 13.79
CA ARG E 50 -33.17 -9.12 13.22
C ARG E 50 -32.88 -9.14 11.72
N GLU E 51 -33.12 -8.02 11.00
CA GLU E 51 -32.69 -8.05 9.60
C GLU E 51 -31.20 -7.76 9.45
N ILE E 52 -30.54 -7.09 10.41
CA ILE E 52 -29.08 -7.09 10.41
C ILE E 52 -28.53 -8.50 10.62
N ARG E 53 -29.14 -9.28 11.51
CA ARG E 53 -28.69 -10.66 11.70
C ARG E 53 -28.93 -11.51 10.46
N ARG E 54 -30.13 -11.39 9.87
CA ARG E 54 -30.46 -12.17 8.66
C ARG E 54 -29.59 -11.74 7.48
N PHE E 55 -29.18 -10.48 7.43
CA PHE E 55 -28.23 -10.02 6.42
C PHE E 55 -26.81 -10.51 6.68
N GLN E 56 -26.41 -10.63 7.96
CA GLN E 56 -25.05 -11.04 8.25
C GLN E 56 -24.85 -12.53 8.05
N LYS E 57 -25.90 -13.34 8.27
CA LYS E 57 -25.79 -14.75 7.90
C LYS E 57 -25.77 -14.94 6.39
N SER E 58 -26.54 -14.14 5.66
CA SER E 58 -26.54 -14.21 4.21
C SER E 58 -25.30 -13.54 3.63
N THR E 59 -25.04 -13.78 2.34
CA THR E 59 -23.90 -13.18 1.69
C THR E 59 -24.20 -12.75 0.26
N GLU E 60 -25.46 -12.69 -0.13
CA GLU E 60 -25.82 -12.38 -1.51
C GLU E 60 -25.67 -10.88 -1.78
N LEU E 61 -25.58 -10.54 -3.07
CA LEU E 61 -25.39 -9.15 -3.48
C LEU E 61 -26.60 -8.30 -3.14
N LEU E 62 -26.34 -7.05 -2.78
CA LEU E 62 -27.37 -6.15 -2.28
C LEU E 62 -27.78 -5.07 -3.28
N ILE E 63 -26.87 -4.60 -4.13
CA ILE E 63 -27.21 -3.69 -5.20
C ILE E 63 -27.90 -4.48 -6.30
N ARG E 64 -29.02 -3.96 -6.81
CA ARG E 64 -29.65 -4.55 -7.98
C ARG E 64 -28.70 -4.42 -9.17
N LYS E 65 -28.52 -5.54 -9.89
CA LYS E 65 -27.41 -5.63 -10.84
C LYS E 65 -27.63 -4.80 -12.09
N LEU E 66 -28.89 -4.58 -12.47
CA LEU E 66 -29.16 -3.84 -13.71
C LEU E 66 -28.99 -2.32 -13.55
N PRO E 67 -29.47 -1.65 -12.48
CA PRO E 67 -29.09 -0.23 -12.34
C PRO E 67 -27.59 -0.01 -12.15
N PHE E 68 -26.91 -0.90 -11.43
CA PHE E 68 -25.45 -0.80 -11.30
C PHE E 68 -24.77 -0.98 -12.66
N GLN E 69 -25.33 -1.86 -13.48
CA GLN E 69 -24.84 -2.07 -14.84
C GLN E 69 -25.04 -0.81 -15.67
N ARG E 70 -26.19 -0.14 -15.49
CA ARG E 70 -26.44 1.15 -16.14
C ARG E 70 -25.43 2.21 -15.72
N LEU E 71 -25.15 2.32 -14.42
CA LEU E 71 -24.19 3.31 -13.94
C LEU E 71 -22.77 3.04 -14.44
N VAL E 72 -22.33 1.78 -14.46
CA VAL E 72 -20.96 1.54 -14.91
C VAL E 72 -20.85 1.75 -16.42
N ARG E 73 -21.92 1.46 -17.19
CA ARG E 73 -21.88 1.80 -18.61
C ARG E 73 -21.88 3.32 -18.83
N GLU E 74 -22.71 4.04 -18.08
CA GLU E 74 -22.84 5.47 -18.32
C GLU E 74 -21.66 6.27 -17.77
N ILE E 75 -20.87 5.69 -16.86
CA ILE E 75 -19.62 6.34 -16.50
C ILE E 75 -18.49 5.89 -17.43
N ALA E 76 -18.62 4.71 -18.03
CA ALA E 76 -17.57 4.24 -18.94
C ALA E 76 -17.61 4.95 -20.29
N GLN E 77 -18.80 5.31 -20.78
CA GLN E 77 -18.92 5.95 -22.08
C GLN E 77 -18.41 7.38 -22.11
N ASP E 78 -18.11 7.97 -20.94
CA ASP E 78 -17.52 9.30 -20.91
C ASP E 78 -16.04 9.28 -21.27
N PHE E 79 -15.44 8.09 -21.39
CA PHE E 79 -14.02 7.94 -21.63
C PHE E 79 -13.72 7.41 -23.02
N LYS E 80 -14.52 6.44 -23.47
CA LYS E 80 -14.36 5.84 -24.78
C LYS E 80 -15.74 5.34 -25.19
N THR E 81 -16.31 5.95 -26.22
CA THR E 81 -17.62 5.51 -26.69
C THR E 81 -17.53 4.14 -27.32
N ASP E 82 -18.64 3.39 -27.23
CA ASP E 82 -18.80 2.02 -27.72
C ASP E 82 -17.76 1.09 -27.08
N LEU E 83 -17.89 0.96 -25.77
CA LEU E 83 -17.12 -0.02 -25.00
C LEU E 83 -18.04 -1.16 -24.62
N ARG E 84 -17.82 -2.33 -25.21
CA ARG E 84 -18.54 -3.52 -24.79
C ARG E 84 -18.05 -3.97 -23.42
N PHE E 85 -18.88 -4.72 -22.73
CA PHE E 85 -18.60 -5.10 -21.35
C PHE E 85 -18.73 -6.61 -21.18
N GLN E 86 -17.71 -7.22 -20.61
CA GLN E 86 -17.76 -8.63 -20.29
C GLN E 86 -18.67 -8.81 -19.07
N SER E 87 -19.36 -9.96 -19.03
CA SER E 87 -20.44 -10.16 -18.07
C SER E 87 -19.93 -10.25 -16.64
N SER E 88 -18.86 -11.00 -16.39
CA SER E 88 -18.36 -11.13 -15.03
C SER E 88 -17.55 -9.93 -14.57
N ALA E 89 -17.18 -9.03 -15.48
CA ALA E 89 -16.55 -7.77 -15.06
C ALA E 89 -17.52 -6.92 -14.25
N ILE E 90 -18.80 -6.92 -14.63
CA ILE E 90 -19.83 -6.23 -13.86
C ILE E 90 -19.95 -6.84 -12.47
N GLY E 91 -19.91 -8.16 -12.37
CA GLY E 91 -19.94 -8.82 -11.07
C GLY E 91 -18.70 -8.53 -10.23
N ALA E 92 -17.54 -8.43 -10.87
CA ALA E 92 -16.31 -8.06 -10.17
C ALA E 92 -16.39 -6.64 -9.60
N LEU E 93 -16.89 -5.70 -10.41
CA LEU E 93 -17.11 -4.33 -9.94
C LEU E 93 -18.12 -4.29 -8.80
N GLN E 94 -19.19 -5.07 -8.91
CA GLN E 94 -20.21 -5.11 -7.87
C GLN E 94 -19.65 -5.66 -6.56
N GLU E 95 -18.92 -6.77 -6.62
CA GLU E 95 -18.39 -7.34 -5.40
C GLU E 95 -17.31 -6.44 -4.78
N SER E 96 -16.56 -5.71 -5.62
CA SER E 96 -15.65 -4.70 -5.09
C SER E 96 -16.39 -3.56 -4.39
N VAL E 97 -17.51 -3.10 -4.95
CA VAL E 97 -18.13 -1.92 -4.34
C VAL E 97 -18.97 -2.27 -3.11
N GLU E 98 -19.66 -3.43 -3.06
CA GLU E 98 -20.18 -3.89 -1.77
C GLU E 98 -19.09 -4.17 -0.74
N ALA E 99 -17.94 -4.73 -1.14
CA ALA E 99 -16.87 -4.96 -0.17
C ALA E 99 -16.34 -3.65 0.40
N TYR E 100 -16.12 -2.65 -0.46
CA TYR E 100 -15.56 -1.39 -0.01
C TYR E 100 -16.57 -0.57 0.78
N LEU E 101 -17.85 -0.58 0.37
CA LEU E 101 -18.87 0.14 1.15
C LEU E 101 -19.16 -0.54 2.49
N VAL E 102 -19.08 -1.87 2.57
CA VAL E 102 -19.25 -2.52 3.87
C VAL E 102 -18.07 -2.20 4.79
N SER E 103 -16.85 -2.22 4.25
CA SER E 103 -15.68 -1.84 5.04
C SER E 103 -15.71 -0.38 5.47
N LEU E 104 -16.29 0.50 4.63
CA LEU E 104 -16.45 1.89 5.02
C LEU E 104 -17.53 2.07 6.07
N PHE E 105 -18.64 1.33 5.93
CA PHE E 105 -19.77 1.49 6.84
C PHE E 105 -19.48 0.94 8.23
N GLU E 106 -18.69 -0.14 8.32
CA GLU E 106 -18.28 -0.64 9.63
C GLU E 106 -17.40 0.37 10.36
N ASP E 107 -16.47 0.99 9.64
CA ASP E 107 -15.58 1.97 10.25
C ASP E 107 -16.33 3.26 10.60
N THR E 108 -17.31 3.64 9.79
CA THR E 108 -18.12 4.81 10.13
C THR E 108 -19.06 4.52 11.30
N ASN E 109 -19.52 3.28 11.43
CA ASN E 109 -20.26 2.90 12.64
C ASN E 109 -19.38 2.98 13.87
N LEU E 110 -18.11 2.59 13.73
CA LEU E 110 -17.15 2.76 14.84
C LEU E 110 -16.94 4.23 15.16
N ALA E 111 -16.87 5.08 14.14
CA ALA E 111 -16.72 6.52 14.37
C ALA E 111 -17.95 7.10 15.06
N ALA E 112 -19.14 6.65 14.68
CA ALA E 112 -20.36 7.17 15.27
C ALA E 112 -20.55 6.67 16.70
N ILE E 113 -20.18 5.42 16.97
CA ILE E 113 -20.35 4.87 18.31
C ILE E 113 -19.26 5.43 19.23
N HIS E 114 -18.16 5.91 18.65
CA HIS E 114 -17.14 6.60 19.44
C HIS E 114 -17.60 7.97 19.89
N ALA E 115 -18.53 8.58 19.15
CA ALA E 115 -19.07 9.89 19.50
C ALA E 115 -20.30 9.78 20.41
N LYS E 116 -20.46 8.64 21.09
CA LYS E 116 -21.57 8.34 22.01
C LYS E 116 -22.92 8.45 21.30
N ARG E 117 -22.95 8.06 20.04
CA ARG E 117 -24.14 8.15 19.21
C ARG E 117 -24.42 6.80 18.58
N VAL E 118 -25.70 6.54 18.31
CA VAL E 118 -26.11 5.34 17.60
C VAL E 118 -26.49 5.63 16.16
N THR E 119 -26.23 6.85 15.69
CA THR E 119 -26.58 7.28 14.35
C THR E 119 -25.33 7.77 13.62
N ILE E 120 -25.13 7.30 12.40
CA ILE E 120 -24.06 7.85 11.58
C ILE E 120 -24.50 9.16 10.95
N GLN E 121 -23.53 9.90 10.41
CA GLN E 121 -23.76 11.24 9.91
C GLN E 121 -22.69 11.52 8.86
N LYS E 122 -22.92 12.51 8.01
CA LYS E 122 -22.02 12.75 6.88
C LYS E 122 -20.67 13.29 7.34
N LYS E 123 -20.63 13.94 8.50
CA LYS E 123 -19.33 14.29 9.07
C LYS E 123 -18.62 13.06 9.60
N ASP E 124 -19.36 12.01 9.99
CA ASP E 124 -18.70 10.75 10.34
C ASP E 124 -18.19 10.04 9.09
N ILE E 125 -18.88 10.22 7.95
CA ILE E 125 -18.40 9.72 6.67
C ILE E 125 -17.06 10.37 6.31
N LYS E 126 -17.00 11.71 6.36
CA LYS E 126 -15.73 12.35 6.03
C LYS E 126 -14.67 12.12 7.10
N LEU E 127 -15.07 11.87 8.35
CA LEU E 127 -14.12 11.46 9.39
C LEU E 127 -13.46 10.14 9.02
N ALA E 128 -14.27 9.15 8.64
CA ALA E 128 -13.75 7.85 8.23
C ALA E 128 -12.93 7.94 6.96
N ARG E 129 -13.28 8.85 6.06
CA ARG E 129 -12.50 8.98 4.82
C ARG E 129 -11.16 9.68 5.06
N ARG E 130 -11.11 10.67 5.96
CA ARG E 130 -9.83 11.29 6.30
C ARG E 130 -8.94 10.32 7.08
N LEU E 131 -9.51 9.63 8.07
CA LEU E 131 -8.75 8.68 8.87
C LEU E 131 -8.38 7.42 8.09
N ARG E 132 -9.08 7.12 7.01
CA ARG E 132 -8.61 6.09 6.10
C ARG E 132 -7.48 6.60 5.22
N GLY E 133 -7.38 7.91 5.04
CA GLY E 133 -6.38 8.49 4.16
C GLY E 133 -6.77 8.32 2.71
N GLU E 134 -8.00 8.68 2.39
CA GLU E 134 -8.60 8.41 1.08
C GLU E 134 -8.64 9.69 0.24
N ARG E 135 -7.60 10.51 0.36
CA ARG E 135 -7.48 11.67 -0.52
C ARG E 135 -6.16 11.60 -1.28
N ASP F 25 -32.31 10.66 -14.06
CA ASP F 25 -32.89 9.51 -13.38
C ASP F 25 -31.95 8.31 -13.45
N ASN F 26 -31.10 8.30 -14.48
CA ASN F 26 -30.09 7.25 -14.59
C ASN F 26 -29.01 7.38 -13.53
N ILE F 27 -28.74 8.61 -13.08
CA ILE F 27 -27.72 8.86 -12.06
C ILE F 27 -28.16 8.27 -10.72
N GLN F 28 -29.46 8.28 -10.44
CA GLN F 28 -30.02 7.89 -9.15
C GLN F 28 -30.38 6.39 -9.13
N GLY F 29 -29.68 5.59 -9.95
CA GLY F 29 -30.01 4.18 -10.10
C GLY F 29 -29.82 3.35 -8.86
N ILE F 30 -28.84 3.71 -8.03
CA ILE F 30 -28.70 3.03 -6.74
C ILE F 30 -29.76 3.57 -5.81
N THR F 31 -30.71 2.72 -5.44
CA THR F 31 -31.90 3.15 -4.73
C THR F 31 -31.68 3.19 -3.22
N LYS F 32 -32.58 3.89 -2.53
CA LYS F 32 -32.48 4.06 -1.08
C LYS F 32 -32.50 2.75 -0.27
N PRO F 33 -33.32 1.73 -0.57
CA PRO F 33 -33.13 0.44 0.12
C PRO F 33 -31.81 -0.24 -0.18
N ALA F 34 -31.11 0.11 -1.25
CA ALA F 34 -29.79 -0.49 -1.47
C ALA F 34 -28.74 0.09 -0.52
N ILE F 35 -28.80 1.41 -0.28
CA ILE F 35 -27.95 1.99 0.78
C ILE F 35 -28.37 1.43 2.13
N ARG F 36 -29.67 1.19 2.34
CA ARG F 36 -30.13 0.54 3.56
C ARG F 36 -29.54 -0.87 3.70
N ARG F 37 -29.51 -1.63 2.61
CA ARG F 37 -28.94 -2.98 2.63
C ARG F 37 -27.45 -2.95 2.93
N LEU F 38 -26.70 -2.04 2.30
CA LEU F 38 -25.27 -1.94 2.54
C LEU F 38 -24.98 -1.48 3.97
N ALA F 39 -25.81 -0.57 4.50
CA ALA F 39 -25.61 -0.08 5.85
C ALA F 39 -25.91 -1.14 6.89
N ARG F 40 -26.98 -1.92 6.70
CA ARG F 40 -27.27 -2.97 7.67
C ARG F 40 -26.36 -4.16 7.50
N ARG F 41 -25.75 -4.33 6.32
CA ARG F 41 -24.63 -5.24 6.19
C ARG F 41 -23.43 -4.75 6.99
N GLY F 42 -23.22 -3.43 7.01
CA GLY F 42 -22.22 -2.84 7.88
C GLY F 42 -22.55 -2.93 9.35
N GLY F 43 -23.82 -3.10 9.70
CA GLY F 43 -24.22 -3.28 11.08
C GLY F 43 -24.46 -1.97 11.81
N VAL F 44 -25.23 -1.07 11.20
CA VAL F 44 -25.52 0.24 11.76
C VAL F 44 -27.00 0.26 12.13
N LYS F 45 -27.30 0.73 13.34
CA LYS F 45 -28.68 0.75 13.80
C LYS F 45 -29.47 1.89 13.16
N ARG F 46 -29.06 3.13 13.40
CA ARG F 46 -29.82 4.30 12.99
C ARG F 46 -29.07 5.06 11.91
N ILE F 47 -29.80 5.49 10.88
CA ILE F 47 -29.24 6.14 9.71
C ILE F 47 -29.82 7.54 9.61
N SER F 48 -28.95 8.55 9.51
CA SER F 48 -29.43 9.90 9.23
C SER F 48 -29.76 10.04 7.75
N GLY F 49 -30.72 10.93 7.45
CA GLY F 49 -31.30 11.00 6.13
C GLY F 49 -30.45 11.70 5.09
N LEU F 50 -29.46 12.48 5.51
CA LEU F 50 -28.59 13.20 4.59
C LEU F 50 -27.39 12.37 4.13
N ILE F 51 -27.35 11.09 4.53
CA ILE F 51 -26.25 10.19 4.17
C ILE F 51 -26.26 9.89 2.68
N TYR F 52 -27.45 9.67 2.11
CA TYR F 52 -27.60 8.81 0.94
C TYR F 52 -27.04 9.44 -0.32
N GLU F 53 -27.27 10.74 -0.53
CA GLU F 53 -26.74 11.40 -1.72
C GLU F 53 -25.22 11.54 -1.66
N GLU F 54 -24.66 11.73 -0.47
CA GLU F 54 -23.21 11.84 -0.36
C GLU F 54 -22.58 10.46 -0.48
N THR F 55 -23.29 9.41 -0.08
CA THR F 55 -22.83 8.05 -0.33
C THR F 55 -22.87 7.73 -1.82
N ARG F 56 -23.89 8.24 -2.53
CA ARG F 56 -23.91 8.13 -3.99
C ARG F 56 -22.72 8.84 -4.61
N GLY F 57 -22.38 10.03 -4.09
CA GLY F 57 -21.18 10.71 -4.54
C GLY F 57 -19.90 9.95 -4.21
N VAL F 58 -19.89 9.21 -3.11
CA VAL F 58 -18.75 8.35 -2.77
C VAL F 58 -18.61 7.22 -3.79
N LEU F 59 -19.73 6.61 -4.18
CA LEU F 59 -19.70 5.63 -5.29
C LEU F 59 -19.22 6.25 -6.59
N LYS F 60 -19.69 7.44 -6.92
CA LYS F 60 -19.33 8.03 -8.21
C LYS F 60 -17.97 8.70 -8.20
N VAL F 61 -17.21 8.60 -7.11
CA VAL F 61 -15.79 8.93 -7.14
C VAL F 61 -14.92 7.69 -6.91
N PHE F 62 -15.41 6.66 -6.21
CA PHE F 62 -14.63 5.45 -5.99
C PHE F 62 -14.50 4.63 -7.27
N LEU F 63 -15.63 4.23 -7.85
CA LEU F 63 -15.58 3.45 -9.08
C LEU F 63 -15.15 4.28 -10.28
N GLU F 64 -15.14 5.61 -10.15
CA GLU F 64 -14.50 6.49 -11.11
C GLU F 64 -13.03 6.10 -11.29
N ASN F 65 -12.33 5.85 -10.17
CA ASN F 65 -10.90 5.55 -10.19
C ASN F 65 -10.61 4.27 -10.96
N VAL F 66 -11.41 3.23 -10.75
CA VAL F 66 -11.12 1.95 -11.38
C VAL F 66 -11.60 1.90 -12.83
N ILE F 67 -12.59 2.70 -13.21
CA ILE F 67 -12.91 2.83 -14.63
C ILE F 67 -11.77 3.52 -15.37
N ARG F 68 -11.19 4.58 -14.78
CA ARG F 68 -9.98 5.14 -15.39
C ARG F 68 -8.82 4.15 -15.39
N ASP F 69 -8.67 3.35 -14.34
CA ASP F 69 -7.58 2.41 -14.23
C ASP F 69 -7.73 1.21 -15.15
N ALA F 70 -8.94 0.92 -15.62
CA ALA F 70 -9.21 -0.25 -16.45
C ALA F 70 -9.32 0.08 -17.95
N VAL F 71 -9.91 1.22 -18.31
CA VAL F 71 -10.05 1.49 -19.75
C VAL F 71 -8.72 1.83 -20.39
N THR F 72 -7.74 2.33 -19.63
CA THR F 72 -6.39 2.53 -20.16
C THR F 72 -5.71 1.20 -20.46
N TYR F 73 -5.88 0.22 -19.57
CA TYR F 73 -5.44 -1.15 -19.83
C TYR F 73 -6.10 -1.70 -21.10
N THR F 74 -7.39 -1.44 -21.25
CA THR F 74 -8.15 -1.95 -22.39
C THR F 74 -7.66 -1.32 -23.70
N GLU F 75 -7.42 -0.01 -23.71
CA GLU F 75 -7.00 0.61 -24.97
C GLU F 75 -5.55 0.30 -25.28
N HIS F 76 -4.70 0.08 -24.27
CA HIS F 76 -3.33 -0.33 -24.57
C HIS F 76 -3.30 -1.78 -25.06
N ALA F 77 -4.27 -2.59 -24.64
CA ALA F 77 -4.34 -3.96 -25.15
C ALA F 77 -4.93 -4.06 -26.55
N LYS F 78 -5.15 -2.91 -27.23
CA LYS F 78 -5.77 -2.82 -28.56
C LYS F 78 -7.14 -3.48 -28.59
N ARG F 79 -7.88 -3.33 -27.51
CA ARG F 79 -9.22 -3.87 -27.38
C ARG F 79 -10.18 -2.74 -27.04
N LYS F 80 -11.45 -2.96 -27.35
CA LYS F 80 -12.51 -2.05 -26.95
C LYS F 80 -13.64 -2.76 -26.21
N THR F 81 -13.35 -3.94 -25.65
CA THR F 81 -14.15 -4.49 -24.57
C THR F 81 -13.24 -4.82 -23.40
N VAL F 82 -13.74 -4.59 -22.19
CA VAL F 82 -13.01 -4.92 -20.97
C VAL F 82 -13.32 -6.36 -20.62
N THR F 83 -12.57 -6.92 -19.68
CA THR F 83 -12.84 -8.25 -19.17
C THR F 83 -12.61 -8.26 -17.67
N ALA F 84 -12.58 -9.46 -17.09
CA ALA F 84 -12.38 -9.55 -15.64
C ALA F 84 -10.93 -9.31 -15.25
N MET F 85 -9.99 -9.86 -16.02
CA MET F 85 -8.59 -9.94 -15.60
C MET F 85 -7.92 -8.57 -15.51
N ASP F 86 -8.19 -7.68 -16.46
CA ASP F 86 -7.53 -6.38 -16.43
C ASP F 86 -8.08 -5.47 -15.34
N VAL F 87 -9.38 -5.56 -15.02
CA VAL F 87 -9.88 -4.72 -13.94
C VAL F 87 -9.51 -5.33 -12.59
N VAL F 88 -9.29 -6.65 -12.53
CA VAL F 88 -8.69 -7.23 -11.33
C VAL F 88 -7.26 -6.74 -11.15
N TYR F 89 -6.50 -6.58 -12.24
CA TYR F 89 -5.18 -5.96 -12.12
C TYR F 89 -5.26 -4.48 -11.74
N ALA F 90 -6.33 -3.81 -12.16
CA ALA F 90 -6.53 -2.42 -11.72
C ALA F 90 -6.78 -2.33 -10.22
N LEU F 91 -7.61 -3.24 -9.70
CA LEU F 91 -7.84 -3.32 -8.25
C LEU F 91 -6.57 -3.71 -7.51
N LYS F 92 -5.75 -4.58 -8.11
CA LYS F 92 -4.47 -4.95 -7.51
C LYS F 92 -3.50 -3.78 -7.50
N ARG F 93 -3.54 -2.95 -8.53
CA ARG F 93 -2.72 -1.74 -8.58
C ARG F 93 -3.15 -0.76 -7.51
N GLN F 94 -4.45 -0.56 -7.32
CA GLN F 94 -4.91 0.44 -6.38
C GLN F 94 -5.17 -0.10 -4.98
N GLY F 95 -4.73 -1.33 -4.70
CA GLY F 95 -4.54 -1.80 -3.34
C GLY F 95 -5.67 -2.60 -2.73
N ARG F 96 -6.76 -2.85 -3.45
CA ARG F 96 -7.92 -3.59 -2.94
C ARG F 96 -8.21 -4.77 -3.87
N THR F 97 -7.17 -5.57 -4.11
CA THR F 97 -7.20 -6.71 -5.04
C THR F 97 -8.31 -7.70 -4.72
N LEU F 98 -8.83 -8.32 -5.77
CA LEU F 98 -9.98 -9.22 -5.70
C LEU F 98 -9.62 -10.57 -6.30
N TYR F 99 -10.19 -11.62 -5.74
CA TYR F 99 -9.97 -12.99 -6.21
C TYR F 99 -11.21 -13.50 -6.93
N GLY F 100 -11.03 -14.58 -7.68
CA GLY F 100 -12.12 -15.29 -8.29
C GLY F 100 -12.51 -14.82 -9.68
N PHE F 101 -11.90 -13.75 -10.18
CA PHE F 101 -12.21 -13.30 -11.52
C PHE F 101 -10.95 -13.40 -12.37
N GLY F 102 -10.24 -14.51 -12.24
CA GLY F 102 -8.95 -14.65 -12.87
C GLY F 102 -7.87 -13.91 -12.10
N GLY F 103 -6.77 -13.66 -12.79
CA GLY F 103 -5.64 -12.96 -12.20
C GLY F 103 -4.79 -13.85 -11.33
N LYS G 14 32.27 11.87 -38.99
CA LYS G 14 31.83 10.65 -38.33
C LYS G 14 31.71 10.87 -36.83
N ALA G 15 32.39 11.90 -36.33
CA ALA G 15 32.34 12.22 -34.92
C ALA G 15 30.98 12.82 -34.57
N SER G 16 30.21 12.10 -33.76
CA SER G 16 28.88 12.53 -33.37
C SER G 16 28.74 12.46 -31.86
N GLN G 17 27.89 13.31 -31.31
CA GLN G 17 27.65 13.36 -29.88
C GLN G 17 26.63 12.31 -29.49
N SER G 18 26.09 12.41 -28.26
CA SER G 18 25.21 11.39 -27.73
C SER G 18 23.82 11.48 -28.35
N ARG G 19 22.90 10.65 -27.85
CA ARG G 19 21.52 10.76 -28.27
C ARG G 19 20.65 11.52 -27.28
N SER G 20 21.23 11.99 -26.17
CA SER G 20 20.48 12.86 -25.26
C SER G 20 20.20 14.22 -25.89
N ALA G 21 21.22 14.85 -26.46
CA ALA G 21 21.02 16.11 -27.16
C ALA G 21 20.39 15.90 -28.52
N LYS G 22 20.59 14.71 -29.11
CA LYS G 22 19.85 14.33 -30.32
C LYS G 22 18.36 14.17 -30.02
N ALA G 23 18.01 13.84 -28.77
CA ALA G 23 16.64 13.96 -28.28
C ALA G 23 16.35 15.31 -27.66
N GLY G 24 17.35 16.19 -27.55
CA GLY G 24 17.19 17.49 -26.93
C GLY G 24 16.89 17.43 -25.44
N LEU G 25 17.58 16.56 -24.71
CA LEU G 25 17.33 16.34 -23.29
C LEU G 25 18.64 16.44 -22.52
N THR G 26 18.53 16.71 -21.22
CA THR G 26 19.71 16.91 -20.38
C THR G 26 19.99 15.75 -19.41
N PHE G 27 19.03 14.86 -19.18
CA PHE G 27 19.37 13.67 -18.42
C PHE G 27 20.04 12.63 -19.31
N PRO G 28 20.95 11.80 -18.77
CA PRO G 28 21.65 10.81 -19.60
C PRO G 28 20.73 9.69 -20.05
N VAL G 29 20.42 9.67 -21.35
CA VAL G 29 19.58 8.61 -21.88
C VAL G 29 20.34 7.28 -21.91
N GLY G 30 21.66 7.34 -22.08
CA GLY G 30 22.45 6.11 -22.05
C GLY G 30 22.49 5.45 -20.69
N ARG G 31 22.57 6.26 -19.63
CA ARG G 31 22.62 5.72 -18.27
C ARG G 31 21.27 5.11 -17.88
N VAL G 32 20.17 5.78 -18.21
CA VAL G 32 18.86 5.22 -17.87
C VAL G 32 18.53 4.02 -18.76
N HIS G 33 19.08 4.00 -19.98
CA HIS G 33 19.00 2.80 -20.81
C HIS G 33 19.78 1.64 -20.19
N ARG G 34 20.99 1.92 -19.68
CA ARG G 34 21.79 0.93 -18.98
C ARG G 34 21.06 0.36 -17.77
N LEU G 35 20.37 1.23 -17.03
CA LEU G 35 19.55 0.75 -15.93
C LEU G 35 18.31 0.00 -16.41
N LEU G 36 17.87 0.25 -17.65
CA LEU G 36 16.73 -0.48 -18.18
C LEU G 36 17.10 -1.89 -18.63
N ARG G 37 18.33 -2.09 -19.14
CA ARG G 37 18.80 -3.45 -19.45
C ARG G 37 18.93 -4.31 -18.20
N ARG G 38 19.90 -4.00 -17.35
CA ARG G 38 20.15 -4.82 -16.16
C ARG G 38 19.32 -4.42 -14.96
N GLY G 39 18.20 -3.73 -15.18
CA GLY G 39 17.14 -3.75 -14.19
C GLY G 39 16.19 -4.91 -14.33
N ASN G 40 16.45 -5.76 -15.32
CA ASN G 40 15.69 -6.97 -15.75
C ASN G 40 14.17 -6.80 -15.65
N TYR G 41 13.67 -5.73 -16.24
CA TYR G 41 12.22 -5.57 -16.34
C TYR G 41 11.66 -6.28 -17.56
N ALA G 42 12.39 -6.28 -18.67
CA ALA G 42 12.09 -7.16 -19.80
C ALA G 42 13.38 -7.47 -20.53
N GLN G 43 13.38 -8.59 -21.24
CA GLN G 43 14.55 -9.01 -22.00
C GLN G 43 14.73 -8.19 -23.28
N ARG G 44 13.70 -7.48 -23.72
CA ARG G 44 13.77 -6.68 -24.94
C ARG G 44 13.33 -5.27 -24.62
N ILE G 45 14.14 -4.29 -25.02
CA ILE G 45 13.87 -2.87 -24.77
C ILE G 45 13.88 -2.14 -26.11
N GLY G 46 12.82 -1.37 -26.38
CA GLY G 46 12.76 -0.59 -27.60
C GLY G 46 13.62 0.65 -27.54
N SER G 47 13.72 1.31 -28.69
CA SER G 47 14.57 2.51 -28.78
C SER G 47 13.89 3.73 -28.17
N GLY G 48 12.57 3.84 -28.28
CA GLY G 48 11.87 5.01 -27.77
C GLY G 48 11.66 5.01 -26.28
N ALA G 49 11.78 3.85 -25.63
CA ALA G 49 11.60 3.79 -24.19
C ALA G 49 12.64 4.58 -23.38
N PRO G 50 13.96 4.51 -23.64
CA PRO G 50 14.86 5.35 -22.85
C PRO G 50 14.73 6.84 -23.10
N VAL G 51 14.49 7.27 -24.35
CA VAL G 51 14.32 8.69 -24.60
C VAL G 51 13.03 9.22 -23.98
N TYR G 52 11.96 8.41 -24.00
CA TYR G 52 10.70 8.83 -23.38
C TYR G 52 10.82 8.89 -21.86
N LEU G 53 11.52 7.91 -21.27
CA LEU G 53 11.69 7.90 -19.83
C LEU G 53 12.61 9.02 -19.37
N THR G 54 13.64 9.33 -20.18
CA THR G 54 14.49 10.49 -19.95
C THR G 54 13.67 11.78 -19.95
N ALA G 55 12.76 11.90 -20.93
CA ALA G 55 11.91 13.08 -21.04
C ALA G 55 10.98 13.24 -19.84
N VAL G 56 10.36 12.14 -19.39
CA VAL G 56 9.41 12.28 -18.29
C VAL G 56 10.13 12.52 -16.96
N LEU G 57 11.31 11.93 -16.76
CA LEU G 57 12.08 12.24 -15.56
C LEU G 57 12.58 13.69 -15.59
N GLU G 58 12.93 14.19 -16.78
CA GLU G 58 13.30 15.60 -16.93
C GLU G 58 12.15 16.52 -16.57
N TYR G 59 10.93 16.17 -17.00
CA TYR G 59 9.77 17.02 -16.72
C TYR G 59 9.44 17.05 -15.23
N LEU G 60 9.42 15.88 -14.59
CA LEU G 60 9.12 15.83 -13.16
C LEU G 60 10.20 16.52 -12.33
N ALA G 61 11.48 16.34 -12.70
CA ALA G 61 12.55 17.02 -11.98
C ALA G 61 12.47 18.53 -12.17
N ALA G 62 12.15 18.98 -13.39
CA ALA G 62 12.03 20.41 -13.65
C ALA G 62 10.88 21.03 -12.88
N GLU G 63 9.74 20.33 -12.78
CA GLU G 63 8.61 20.79 -11.99
C GLU G 63 8.96 20.88 -10.51
N ILE G 64 9.71 19.89 -10.01
CA ILE G 64 10.12 19.87 -8.61
C ILE G 64 11.05 21.04 -8.30
N LEU G 65 12.00 21.34 -9.20
CA LEU G 65 12.88 22.47 -8.95
C LEU G 65 12.23 23.82 -9.19
N GLU G 66 11.21 23.92 -10.04
CA GLU G 66 10.42 25.16 -10.09
C GLU G 66 9.72 25.42 -8.77
N LEU G 67 9.09 24.39 -8.20
CA LEU G 67 8.42 24.57 -6.92
C LEU G 67 9.42 24.83 -5.78
N ALA G 68 10.57 24.15 -5.79
CA ALA G 68 11.58 24.38 -4.76
C ALA G 68 12.20 25.78 -4.86
N GLY G 69 12.47 26.24 -6.09
CA GLY G 69 13.00 27.58 -6.26
C GLY G 69 12.01 28.66 -5.88
N ASN G 70 10.73 28.45 -6.19
CA ASN G 70 9.70 29.41 -5.77
C ASN G 70 9.54 29.43 -4.26
N ALA G 71 9.63 28.27 -3.61
CA ALA G 71 9.60 28.22 -2.15
C ALA G 71 10.81 28.91 -1.54
N ALA G 72 11.99 28.73 -2.14
CA ALA G 72 13.19 29.37 -1.62
C ALA G 72 13.16 30.88 -1.84
N ARG G 73 12.57 31.35 -2.94
CA ARG G 73 12.43 32.79 -3.13
C ARG G 73 11.34 33.38 -2.24
N ASP G 74 10.32 32.58 -1.89
CA ASP G 74 9.36 33.03 -0.89
C ASP G 74 10.01 33.12 0.48
N ASN G 75 10.97 32.24 0.77
CA ASN G 75 11.77 32.37 1.97
C ASN G 75 13.00 33.25 1.76
N LYS G 76 13.15 33.83 0.56
CA LYS G 76 14.28 34.68 0.11
C LYS G 76 15.66 34.13 0.46
N LYS G 77 15.78 32.80 0.40
CA LYS G 77 17.05 32.13 0.58
C LYS G 77 17.75 31.96 -0.76
N THR G 78 18.84 31.20 -0.75
CA THR G 78 19.57 30.83 -1.96
C THR G 78 19.78 29.33 -2.09
N ARG G 79 20.06 28.64 -0.98
CA ARG G 79 20.33 27.22 -0.98
C ARG G 79 19.07 26.46 -0.55
N ILE G 80 18.77 25.39 -1.27
CA ILE G 80 17.52 24.66 -1.07
C ILE G 80 17.65 23.80 0.20
N ILE G 81 17.03 24.27 1.29
CA ILE G 81 16.90 23.50 2.51
C ILE G 81 15.79 22.49 2.24
N PRO G 82 15.78 21.32 2.88
CA PRO G 82 14.65 20.39 2.67
C PRO G 82 13.32 20.88 3.22
N ARG G 83 13.30 21.90 4.07
CA ARG G 83 12.07 22.62 4.38
C ARG G 83 11.43 23.17 3.11
N HIS G 84 12.25 23.70 2.20
CA HIS G 84 11.74 24.19 0.91
C HIS G 84 11.17 23.05 0.07
N LEU G 85 11.80 21.88 0.13
CA LEU G 85 11.28 20.73 -0.62
C LEU G 85 9.97 20.23 -0.04
N GLN G 86 9.85 20.22 1.30
CA GLN G 86 8.62 19.79 1.95
C GLN G 86 7.47 20.74 1.64
N LEU G 87 7.74 22.05 1.68
CA LEU G 87 6.70 23.01 1.32
C LEU G 87 6.43 23.03 -0.18
N ALA G 88 7.41 22.64 -0.99
CA ALA G 88 7.19 22.56 -2.43
C ALA G 88 6.32 21.37 -2.79
N ILE G 89 6.47 20.27 -2.07
CA ILE G 89 5.70 19.06 -2.39
C ILE G 89 4.31 19.13 -1.77
N ARG G 90 4.23 19.44 -0.48
CA ARG G 90 2.99 19.27 0.26
C ARG G 90 2.01 20.44 0.12
N ASN G 91 2.46 21.60 -0.34
CA ASN G 91 1.53 22.70 -0.58
C ASN G 91 1.00 22.69 -2.00
N ASP G 92 1.34 21.67 -2.79
CA ASP G 92 0.76 21.45 -4.11
C ASP G 92 0.03 20.11 -4.05
N ASP G 93 -1.21 20.09 -4.54
CA ASP G 93 -2.06 18.92 -4.36
C ASP G 93 -1.68 17.75 -5.25
N GLU G 94 -1.23 18.02 -6.48
CA GLU G 94 -0.85 16.95 -7.40
C GLU G 94 0.36 16.17 -6.89
N LEU G 95 1.30 16.87 -6.25
CA LEU G 95 2.41 16.17 -5.62
C LEU G 95 1.97 15.50 -4.33
N ASN G 96 0.91 16.01 -3.69
CA ASN G 96 0.38 15.38 -2.50
C ASN G 96 -0.23 14.02 -2.82
N LYS G 97 -0.95 13.90 -3.93
CA LYS G 97 -1.36 12.56 -4.35
C LYS G 97 -0.19 11.76 -4.94
N LEU G 98 0.79 12.42 -5.54
CA LEU G 98 1.92 11.67 -6.08
C LEU G 98 2.85 11.18 -4.98
N LEU G 99 3.07 11.99 -3.95
CA LEU G 99 4.02 11.68 -2.89
C LEU G 99 3.35 11.62 -1.52
N GLY G 100 2.22 10.91 -1.43
CA GLY G 100 1.45 10.87 -0.20
C GLY G 100 2.14 10.12 0.93
N ASN G 101 2.81 9.02 0.61
CA ASN G 101 3.36 8.12 1.62
C ASN G 101 4.85 8.31 1.83
N VAL G 102 5.43 9.36 1.31
CA VAL G 102 6.86 9.59 1.43
C VAL G 102 7.10 10.47 2.65
N THR G 103 8.32 10.40 3.19
CA THR G 103 8.79 11.33 4.20
C THR G 103 10.13 11.90 3.74
N ILE G 104 10.25 13.23 3.79
CA ILE G 104 11.43 13.92 3.28
C ILE G 104 12.31 14.28 4.47
N ALA G 105 13.58 13.86 4.41
CA ALA G 105 14.52 14.05 5.51
C ALA G 105 14.78 15.53 5.79
N GLN G 106 14.77 15.88 7.08
CA GLN G 106 14.85 17.27 7.57
C GLN G 106 13.77 18.14 6.94
N GLY G 107 12.55 17.62 6.90
CA GLY G 107 11.47 18.31 6.20
C GLY G 107 10.48 19.00 7.10
N GLY G 108 10.20 18.42 8.26
CA GLY G 108 9.23 19.00 9.18
C GLY G 108 7.80 18.79 8.71
N VAL G 109 6.90 19.52 9.36
CA VAL G 109 5.46 19.38 9.12
C VAL G 109 4.91 20.67 8.55
N LEU G 110 3.60 20.69 8.24
CA LEU G 110 2.81 21.70 7.56
C LEU G 110 2.23 22.70 8.56
N PRO G 111 2.28 23.99 8.23
CA PRO G 111 1.60 24.98 9.08
C PRO G 111 0.10 24.95 8.86
N ASN G 112 -0.65 24.34 9.78
CA ASN G 112 -2.11 24.36 9.69
C ASN G 112 -2.74 24.42 11.06
N ILE G 113 -3.79 25.23 11.18
CA ILE G 113 -4.55 25.41 12.40
C ILE G 113 -6.02 25.17 12.08
N HIS G 114 -6.65 24.25 12.80
CA HIS G 114 -8.09 24.06 12.64
C HIS G 114 -8.83 25.22 13.31
N GLN G 115 -9.96 25.60 12.71
CA GLN G 115 -10.64 26.83 13.10
C GLN G 115 -11.29 26.76 14.48
N ASN G 116 -11.53 25.55 15.00
CA ASN G 116 -12.12 25.43 16.33
C ASN G 116 -11.07 25.69 17.40
N LEU G 117 -9.80 25.38 17.11
CA LEU G 117 -8.72 25.55 18.08
C LEU G 117 -8.42 27.01 18.40
N LEU G 118 -8.73 27.92 17.49
CA LEU G 118 -8.52 29.33 17.73
C LEU G 118 -9.49 29.85 18.79
N PRO G 119 -9.08 30.85 19.58
CA PRO G 119 -10.00 31.44 20.56
C PRO G 119 -11.06 32.29 19.90
N LYS G 120 -12.14 31.65 19.46
CA LYS G 120 -13.19 32.32 18.69
C LYS G 120 -14.00 33.31 19.54
N LYS G 121 -13.98 33.15 20.88
CA LYS G 121 -14.70 33.99 21.85
C LYS G 121 -16.21 34.05 21.59
N ARG H 37 34.20 4.67 -7.19
CA ARG H 37 33.37 5.07 -8.32
C ARG H 37 31.90 4.99 -7.94
N LYS H 38 31.21 6.13 -7.97
CA LYS H 38 29.84 6.23 -7.49
C LYS H 38 28.95 6.76 -8.61
N GLU H 39 27.66 6.47 -8.49
CA GLU H 39 26.67 6.84 -9.48
C GLU H 39 25.59 7.69 -8.84
N THR H 40 25.17 8.74 -9.54
CA THR H 40 24.15 9.66 -9.08
C THR H 40 23.56 10.38 -10.28
N TYR H 41 22.74 11.40 -9.99
CA TYR H 41 22.19 12.29 -11.01
C TYR H 41 22.53 13.74 -10.69
N SER H 42 23.68 13.97 -10.08
CA SER H 42 23.96 15.25 -9.42
C SER H 42 24.18 16.37 -10.43
N SER H 43 25.02 16.13 -11.44
CA SER H 43 25.36 17.17 -12.40
C SER H 43 24.16 17.52 -13.28
N TYR H 44 23.36 16.50 -13.63
CA TYR H 44 22.25 16.71 -14.55
C TYR H 44 21.17 17.55 -13.90
N ILE H 45 20.74 17.18 -12.69
CA ILE H 45 19.76 17.94 -11.93
C ILE H 45 20.33 19.31 -11.56
N TYR H 46 21.66 19.37 -11.38
CA TYR H 46 22.34 20.65 -11.13
C TYR H 46 22.12 21.62 -12.29
N LYS H 47 22.39 21.18 -13.52
CA LYS H 47 22.10 22.09 -14.63
C LYS H 47 20.61 22.26 -14.89
N VAL H 48 19.76 21.34 -14.41
CA VAL H 48 18.31 21.57 -14.48
C VAL H 48 17.92 22.80 -13.64
N LEU H 49 18.43 22.90 -12.41
CA LEU H 49 18.05 24.13 -11.69
C LEU H 49 18.86 25.34 -12.13
N LYS H 50 20.06 25.16 -12.69
CA LYS H 50 20.79 26.33 -13.20
C LYS H 50 20.17 26.89 -14.47
N GLN H 51 19.51 26.07 -15.29
CA GLN H 51 18.97 26.58 -16.54
C GLN H 51 17.67 27.35 -16.34
N THR H 52 17.08 27.31 -15.15
CA THR H 52 15.89 28.10 -14.85
C THR H 52 16.04 29.04 -13.67
N HIS H 53 16.95 28.75 -12.73
CA HIS H 53 17.21 29.61 -11.58
C HIS H 53 18.71 29.57 -11.28
N PRO H 54 19.50 30.37 -11.99
CA PRO H 54 20.96 30.31 -11.81
C PRO H 54 21.45 30.84 -10.47
N ASP H 55 20.71 31.75 -9.85
CA ASP H 55 21.08 32.31 -8.55
C ASP H 55 20.44 31.51 -7.42
N THR H 56 20.67 30.20 -7.43
CA THR H 56 20.05 29.30 -6.46
C THR H 56 21.03 28.19 -6.10
N GLY H 57 21.39 28.12 -4.82
CA GLY H 57 22.22 27.03 -4.34
C GLY H 57 21.42 25.77 -4.08
N ILE H 58 22.14 24.67 -3.86
CA ILE H 58 21.52 23.38 -3.61
C ILE H 58 22.26 22.71 -2.45
N SER H 59 21.49 22.07 -1.57
CA SER H 59 22.08 21.34 -0.46
C SER H 59 22.20 19.86 -0.80
N GLN H 60 23.26 19.24 -0.27
CA GLN H 60 23.54 17.84 -0.54
C GLN H 60 22.56 16.89 0.14
N LYS H 61 22.02 17.27 1.30
CA LYS H 61 20.85 16.53 1.82
C LYS H 61 19.63 16.70 0.92
N SER H 62 19.38 17.92 0.43
CA SER H 62 18.30 18.12 -0.53
C SER H 62 18.60 17.40 -1.84
N MET H 63 19.88 17.29 -2.19
CA MET H 63 20.23 16.60 -3.41
C MET H 63 20.05 15.09 -3.23
N SER H 64 20.23 14.59 -2.01
CA SER H 64 19.90 13.21 -1.72
C SER H 64 18.40 12.96 -1.77
N ILE H 65 17.59 13.92 -1.30
CA ILE H 65 16.13 13.87 -1.51
C ILE H 65 15.81 13.74 -2.98
N LEU H 66 16.46 14.55 -3.80
CA LEU H 66 16.20 14.59 -5.23
C LEU H 66 16.62 13.30 -5.93
N ASN H 67 17.77 12.74 -5.54
CA ASN H 67 18.23 11.49 -6.12
C ASN H 67 17.33 10.32 -5.73
N SER H 68 16.90 10.28 -4.46
CA SER H 68 15.96 9.25 -4.03
C SER H 68 14.61 9.41 -4.72
N PHE H 69 14.20 10.65 -4.99
CA PHE H 69 12.94 10.90 -5.67
C PHE H 69 12.97 10.40 -7.11
N VAL H 70 14.04 10.73 -7.84
CA VAL H 70 14.10 10.32 -9.24
C VAL H 70 14.30 8.80 -9.35
N ASN H 71 15.03 8.19 -8.40
CA ASN H 71 15.18 6.74 -8.40
C ASN H 71 13.87 6.04 -8.09
N ASP H 72 13.10 6.57 -7.12
CA ASP H 72 11.82 5.98 -6.77
C ASP H 72 10.81 6.09 -7.90
N ILE H 73 10.76 7.26 -8.55
CA ILE H 73 9.86 7.46 -9.67
C ILE H 73 10.23 6.53 -10.83
N PHE H 74 11.53 6.40 -11.11
CA PHE H 74 12.02 5.48 -12.13
C PHE H 74 11.61 4.04 -11.86
N GLU H 75 11.86 3.56 -10.64
CA GLU H 75 11.59 2.15 -10.36
C GLU H 75 10.10 1.86 -10.33
N ARG H 76 9.29 2.83 -9.85
CA ARG H 76 7.83 2.66 -9.87
C ARG H 76 7.31 2.57 -11.28
N ILE H 77 7.70 3.52 -12.15
CA ILE H 77 7.14 3.54 -13.50
C ILE H 77 7.67 2.36 -14.32
N ALA H 78 8.90 1.95 -14.06
CA ALA H 78 9.48 0.87 -14.84
C ALA H 78 8.91 -0.49 -14.43
N THR H 79 8.70 -0.71 -13.12
CA THR H 79 8.14 -2.00 -12.74
C THR H 79 6.64 -2.08 -13.07
N GLU H 80 5.93 -0.94 -13.09
CA GLU H 80 4.54 -1.03 -13.47
C GLU H 80 4.38 -1.19 -14.97
N ALA H 81 5.27 -0.56 -15.77
CA ALA H 81 5.29 -0.81 -17.21
C ALA H 81 5.68 -2.24 -17.53
N SER H 82 6.59 -2.83 -16.74
CA SER H 82 6.97 -4.22 -16.95
C SER H 82 5.82 -5.16 -16.62
N LYS H 83 5.09 -4.89 -15.53
CA LYS H 83 3.96 -5.73 -15.13
C LYS H 83 2.84 -5.61 -16.16
N LEU H 84 2.63 -4.39 -16.66
CA LEU H 84 1.65 -4.12 -17.70
C LEU H 84 2.02 -4.76 -19.02
N ALA H 85 3.31 -4.83 -19.34
CA ALA H 85 3.73 -5.52 -20.55
C ALA H 85 3.62 -7.04 -20.39
N ALA H 86 3.76 -7.52 -19.15
CA ALA H 86 3.51 -8.93 -18.89
C ALA H 86 2.03 -9.27 -19.02
N TYR H 87 1.15 -8.28 -18.84
CA TYR H 87 -0.28 -8.51 -19.10
C TYR H 87 -0.53 -8.81 -20.57
N ASN H 88 0.14 -8.09 -21.46
CA ASN H 88 -0.10 -8.13 -22.89
C ASN H 88 0.46 -9.39 -23.53
N LYS H 89 1.30 -10.14 -22.80
CA LYS H 89 2.22 -11.15 -23.32
C LYS H 89 3.13 -10.53 -24.39
N LYS H 90 3.68 -9.36 -24.04
CA LYS H 90 4.67 -8.67 -24.86
C LYS H 90 6.00 -8.73 -24.13
N SER H 91 7.04 -9.21 -24.81
CA SER H 91 8.36 -9.34 -24.21
C SER H 91 9.22 -8.11 -24.43
N THR H 92 8.69 -7.07 -25.08
CA THR H 92 9.47 -5.89 -25.46
C THR H 92 8.88 -4.67 -24.78
N ILE H 93 9.73 -3.87 -24.16
CA ILE H 93 9.32 -2.55 -23.65
C ILE H 93 9.51 -1.51 -24.75
N SER H 94 8.40 -0.97 -25.24
CA SER H 94 8.42 0.14 -26.17
C SER H 94 7.91 1.39 -25.44
N ALA H 95 7.85 2.50 -26.18
CA ALA H 95 7.40 3.76 -25.62
C ALA H 95 5.91 3.78 -25.31
N ARG H 96 5.12 2.92 -25.96
CA ARG H 96 3.67 2.98 -25.83
C ARG H 96 3.23 2.50 -24.45
N GLU H 97 3.80 1.41 -23.97
CA GLU H 97 3.45 0.96 -22.62
C GLU H 97 4.06 1.79 -21.52
N ILE H 98 5.17 2.50 -21.75
CA ILE H 98 5.60 3.39 -20.68
C ILE H 98 4.84 4.72 -20.68
N GLN H 99 4.32 5.19 -21.82
CA GLN H 99 3.41 6.33 -21.74
C GLN H 99 2.06 5.90 -21.16
N THR H 100 1.68 4.64 -21.38
CA THR H 100 0.57 4.06 -20.62
C THR H 100 0.89 4.05 -19.14
N ALA H 101 2.13 3.73 -18.77
CA ALA H 101 2.54 3.75 -17.36
C ALA H 101 2.49 5.15 -16.77
N VAL H 102 2.81 6.16 -17.60
CA VAL H 102 2.65 7.56 -17.20
C VAL H 102 1.19 7.86 -16.90
N ARG H 103 0.28 7.42 -17.78
CA ARG H 103 -1.13 7.73 -17.58
C ARG H 103 -1.73 6.98 -16.39
N LEU H 104 -1.24 5.77 -16.12
CA LEU H 104 -1.67 5.07 -14.90
C LEU H 104 -1.14 5.73 -13.64
N ILE H 105 0.15 6.04 -13.59
CA ILE H 105 0.75 6.40 -12.31
C ILE H 105 0.63 7.89 -12.04
N LEU H 106 1.05 8.71 -13.00
CA LEU H 106 1.20 10.13 -12.73
C LEU H 106 -0.17 10.80 -12.75
N PRO H 107 -0.43 11.75 -11.87
CA PRO H 107 -1.74 12.43 -11.86
C PRO H 107 -1.98 13.24 -13.13
N GLY H 108 -3.26 13.32 -13.51
CA GLY H 108 -3.70 13.58 -14.87
C GLY H 108 -3.22 14.83 -15.59
N GLU H 109 -3.19 15.98 -14.92
CA GLU H 109 -2.78 17.21 -15.59
C GLU H 109 -1.28 17.22 -15.86
N LEU H 110 -0.47 16.86 -14.86
CA LEU H 110 0.95 16.70 -15.12
C LEU H 110 1.23 15.46 -15.95
N ALA H 111 0.33 14.48 -15.94
CA ALA H 111 0.46 13.34 -16.85
C ALA H 111 0.32 13.77 -18.30
N LYS H 112 -0.65 14.66 -18.61
CA LYS H 112 -0.80 15.05 -20.01
C LYS H 112 0.29 16.03 -20.42
N HIS H 113 0.79 16.85 -19.48
CA HIS H 113 1.98 17.65 -19.76
C HIS H 113 3.19 16.75 -20.03
N ALA H 114 3.35 15.68 -19.23
CA ALA H 114 4.46 14.75 -19.39
C ALA H 114 4.38 14.01 -20.72
N VAL H 115 3.19 13.59 -21.12
CA VAL H 115 3.10 12.87 -22.39
C VAL H 115 3.25 13.84 -23.56
N SER H 116 2.87 15.12 -23.39
CA SER H 116 3.10 16.09 -24.46
C SER H 116 4.59 16.33 -24.68
N GLU H 117 5.34 16.55 -23.59
CA GLU H 117 6.77 16.75 -23.73
C GLU H 117 7.49 15.47 -24.15
N GLY H 118 6.96 14.31 -23.76
CA GLY H 118 7.52 13.05 -24.23
C GLY H 118 7.33 12.83 -25.71
N THR H 119 6.15 13.18 -26.24
CA THR H 119 5.93 13.07 -27.68
C THR H 119 6.82 14.02 -28.47
N ARG H 120 7.01 15.26 -28.02
CA ARG H 120 7.92 16.11 -28.80
C ARG H 120 9.36 15.64 -28.67
N ALA H 121 9.73 15.04 -27.53
CA ALA H 121 11.07 14.47 -27.38
C ALA H 121 11.29 13.28 -28.31
N VAL H 122 10.30 12.39 -28.44
CA VAL H 122 10.54 11.23 -29.28
C VAL H 122 10.39 11.57 -30.76
N THR H 123 9.60 12.60 -31.10
CA THR H 123 9.55 13.01 -32.50
C THR H 123 10.81 13.75 -32.89
N LYS H 124 11.40 14.52 -31.96
CA LYS H 124 12.67 15.16 -32.24
C LYS H 124 13.79 14.13 -32.30
N TYR H 125 13.67 13.05 -31.51
CA TYR H 125 14.57 11.92 -31.64
C TYR H 125 14.41 11.21 -32.98
N SER H 126 13.16 11.04 -33.43
CA SER H 126 12.91 10.28 -34.65
C SER H 126 13.32 11.05 -35.90
N SER H 127 13.47 12.37 -35.81
CA SER H 127 13.92 13.19 -36.94
C SER H 127 15.44 13.15 -37.07
N SER H 128 15.94 11.98 -37.44
CA SER H 128 17.37 11.77 -37.68
C SER H 128 17.70 11.98 -39.16
N THR H 129 17.25 13.11 -39.70
CA THR H 129 17.48 13.44 -41.10
C THR H 129 18.27 14.74 -41.23
#